data_9UZG
#
_entry.id   9UZG
#
_cell.length_a   37.224
_cell.length_b   80.027
_cell.length_c   115.771
_cell.angle_alpha   90.00
_cell.angle_beta   93.19
_cell.angle_gamma   90.00
#
_symmetry.space_group_name_H-M   'P 1 21 1'
#
loop_
_entity.id
_entity.type
_entity.pdbx_description
1 polymer 'RNA-directed RNA polymerase L'
2 polymer 'mAb 2E9 Fab heavy chain'
3 polymer 'mAb 2E9 Fab light chain'
4 non-polymer 'MANGANESE (II) ION'
5 non-polymer '2-4-DIOXO-4-PHENYLBUTANOIC ACID'
6 water water
#
loop_
_entity_poly.entity_id
_entity_poly.type
_entity_poly.pdbx_seq_one_letter_code
_entity_poly.pdbx_strand_id
1 'polypeptide(L)'
;GPLGSKKPIALICAELYKPFQDLFAALPKDCSEECQTLFEDIRNSESHASAWSSALRIKGVAYEGFFSLTNSWRYIPEDL
KPTLGMAIQTVFPDKFEKFLERTHLHPEYRDFTPDYLMCRSRIFKSDRLNRSNVAVSRGKDKGGKKKETTVNKDQDDDAQ
SAVLLSHKKRFPMPEIAVQEVSSVSAVVDRFKSKSSEKGRPIRQEESRPKTESMQEDIEVDELLIVEVGYQTDIEGKVIS
DIEKWKGVVNLMSHLGIKVNVLTCADNSQTPRTDWWIDEKYVRLLLNSISYLFKELLENS
;
A
2 'polypeptide(L)'
;EVKLEESGGGLVRPGGSRKLSCAASGFTFSSYGMQWVRQAPEKGLEWVAYISSGSRTIYYADTVKGRFTISRDNPKNTLF
LQMTSLRSEDTAMYYCATGYGGTWFAYWGQGTLVTVSAASTKGPSVFPLAPSSKSTSGGTAALGCLVKDYFPEPVTVSWN
SGALTSGVHTFPAVLQSSGLYSLSSVVTVPSSSLGTQTYICNVNHKPSNTKVDKKVEPKSCDKTHHHHHH
;
H
3 'polypeptide(L)'
;QIVLSQSPLSLPVSLGDQASISCRSSQSLLHSNGNTYLHWYLQKPGQSPKLLIYKVSNRFSGVPDRFSGSGSGTDFTLKI
SRVEAEDLGVYFCSQSTHVPYTFGGGTKLEIKRTVAAPSVFIFPPSDEQLKSGTASVVCLLNNFYPREAKVQWKVDNALQ
SGNSQESVTEQDSKDSTYSLSSTLTLSKADYEKHKVYACEVTHQGLSSPVTKSFNRGEC
;
L
#
loop_
_chem_comp.id
_chem_comp.type
_chem_comp.name
_chem_comp.formula
MN non-polymer 'MANGANESE (II) ION' 'Mn 2'
XI7 non-polymer '2-4-DIOXO-4-PHENYLBUTANOIC ACID' 'C10 H8 O4'
#
# COMPACT_ATOMS: atom_id res chain seq x y z
N LYS A 6 -0.17 21.25 66.72
CA LYS A 6 0.43 21.97 67.84
C LYS A 6 1.69 22.73 67.41
N LYS A 7 2.13 22.53 66.17
CA LYS A 7 3.35 23.20 65.68
C LYS A 7 2.99 24.46 64.90
N PRO A 8 3.72 25.57 65.10
CA PRO A 8 3.50 26.78 64.31
C PRO A 8 3.97 26.53 62.87
N ILE A 9 3.30 27.13 61.91
CA ILE A 9 3.65 26.92 60.47
C ILE A 9 5.10 27.34 60.27
N ALA A 10 5.47 28.50 60.79
CA ALA A 10 6.87 28.90 60.65
C ALA A 10 7.80 27.84 61.23
N LEU A 11 7.37 27.15 62.29
CA LEU A 11 8.21 26.09 62.83
C LEU A 11 8.18 24.86 61.92
N ILE A 12 7.07 24.62 61.23
CA ILE A 12 7.02 23.52 60.25
C ILE A 12 8.10 23.69 59.20
N CYS A 13 8.24 24.92 58.67
CA CYS A 13 9.30 25.21 57.72
C CYS A 13 10.68 25.03 58.32
N ALA A 14 10.81 25.18 59.64
CA ALA A 14 12.10 24.94 60.28
C ALA A 14 12.51 23.48 60.18
N GLU A 15 11.62 22.59 60.60
CA GLU A 15 11.92 21.13 60.61
C GLU A 15 12.29 20.63 59.21
N LEU A 16 11.74 21.23 58.16
CA LEU A 16 11.97 20.76 56.78
C LEU A 16 13.01 21.65 56.10
N TYR A 17 13.83 22.33 56.91
CA TYR A 17 14.92 23.18 56.35
C TYR A 17 15.78 22.34 55.39
N LYS A 18 16.33 21.23 55.88
CA LYS A 18 17.19 20.45 55.01
C LYS A 18 16.45 19.90 53.79
N PRO A 19 15.29 19.22 53.93
CA PRO A 19 14.57 18.80 52.72
C PRO A 19 14.36 19.92 51.72
N PHE A 20 13.96 21.11 52.17
CA PHE A 20 13.69 22.19 51.22
C PHE A 20 14.96 22.81 50.68
N GLN A 21 16.08 22.72 51.40
CA GLN A 21 17.34 23.19 50.85
C GLN A 21 17.87 22.23 49.80
N ASP A 22 17.65 20.92 50.00
CA ASP A 22 17.98 19.95 48.97
C ASP A 22 17.15 20.22 47.72
N LEU A 23 15.86 20.48 47.89
CA LEU A 23 14.99 20.75 46.76
C LEU A 23 15.43 22.00 46.00
N PHE A 24 15.62 23.11 46.71
CA PHE A 24 15.96 24.36 46.01
C PHE A 24 17.29 24.25 45.28
N ALA A 25 18.22 23.44 45.76
CA ALA A 25 19.53 23.37 45.13
C ALA A 25 19.47 22.61 43.80
N ALA A 26 18.53 21.67 43.68
CA ALA A 26 18.46 20.82 42.50
C ALA A 26 17.57 21.39 41.38
N LEU A 27 16.57 22.20 41.72
CA LEU A 27 15.68 22.76 40.70
C LEU A 27 16.44 23.70 39.76
N PRO A 28 15.92 23.91 38.55
CA PRO A 28 16.46 24.97 37.69
C PRO A 28 16.46 26.31 38.40
N LYS A 29 17.34 27.23 37.97
CA LYS A 29 17.52 28.51 38.71
C LYS A 29 16.21 29.26 38.91
N ASP A 30 15.61 29.72 37.82
CA ASP A 30 14.33 30.49 37.90
C ASP A 30 13.30 29.68 38.68
N CYS A 31 13.27 28.37 38.44
CA CYS A 31 12.35 27.55 39.22
C CYS A 31 12.72 27.57 40.70
N SER A 32 14.02 27.46 41.01
CA SER A 32 14.44 27.44 42.41
C SER A 32 14.07 28.74 43.10
N GLU A 33 14.27 29.88 42.43
CA GLU A 33 14.01 31.18 43.05
C GLU A 33 12.53 31.34 43.36
N GLU A 34 11.67 31.06 42.37
CA GLU A 34 10.23 31.17 42.56
C GLU A 34 9.75 30.27 43.70
N CYS A 35 10.33 29.06 43.79
CA CYS A 35 9.97 28.17 44.89
C CYS A 35 10.44 28.71 46.24
N GLN A 36 11.61 29.35 46.26
CA GLN A 36 12.15 29.90 47.50
C GLN A 36 11.28 31.04 48.03
N THR A 37 10.92 31.98 47.16
CA THR A 37 9.98 33.03 47.53
C THR A 37 8.69 32.44 48.08
N LEU A 38 8.11 31.48 47.36
CA LEU A 38 6.91 30.79 47.82
C LEU A 38 7.14 30.19 49.19
N PHE A 39 8.33 29.66 49.45
CA PHE A 39 8.60 29.04 50.74
C PHE A 39 8.61 30.08 51.86
N GLU A 40 9.12 31.28 51.58
CA GLU A 40 9.08 32.33 52.61
C GLU A 40 7.66 32.86 52.79
N ASP A 41 6.84 32.77 51.74
CA ASP A 41 5.42 33.10 51.90
C ASP A 41 4.73 32.12 52.84
N ILE A 42 5.12 30.83 52.78
CA ILE A 42 4.54 29.86 53.69
C ILE A 42 5.03 30.10 55.12
N ARG A 43 6.32 30.38 55.28
CA ARG A 43 6.88 30.64 56.60
C ARG A 43 6.20 31.85 57.25
N ASN A 44 5.94 32.89 56.47
CA ASN A 44 5.27 34.11 56.94
C ASN A 44 3.77 34.08 56.64
N SER A 45 3.15 32.91 56.62
CA SER A 45 1.72 32.80 56.31
C SER A 45 0.92 32.89 57.60
N GLU A 46 0.06 33.90 57.69
CA GLU A 46 -0.76 34.09 58.89
C GLU A 46 -1.95 33.15 58.94
N SER A 47 -2.53 32.81 57.80
CA SER A 47 -3.72 31.97 57.72
C SER A 47 -3.36 30.59 57.18
N HIS A 48 -4.24 29.63 57.43
CA HIS A 48 -4.01 28.28 56.94
C HIS A 48 -4.35 28.12 55.46
N ALA A 49 -5.22 28.97 54.93
CA ALA A 49 -5.53 28.90 53.49
C ALA A 49 -4.33 29.45 52.73
N SER A 50 -3.69 30.47 53.28
CA SER A 50 -2.54 31.11 52.60
C SER A 50 -1.44 30.08 52.43
N ALA A 51 -1.12 29.38 53.50
CA ALA A 51 -0.02 28.43 53.46
C ALA A 51 -0.29 27.33 52.46
N TRP A 52 -1.49 26.74 52.53
CA TRP A 52 -1.85 25.64 51.65
C TRP A 52 -1.78 26.06 50.19
N SER A 53 -2.38 27.21 49.84
CA SER A 53 -2.33 27.70 48.47
C SER A 53 -0.90 28.00 48.02
N SER A 54 -0.04 28.48 48.92
CA SER A 54 1.34 28.67 48.54
C SER A 54 2.03 27.32 48.35
N ALA A 55 1.74 26.36 49.22
CA ALA A 55 2.30 25.03 49.06
C ALA A 55 1.85 24.40 47.74
N LEU A 56 0.62 24.68 47.31
CA LEU A 56 0.15 24.02 46.07
C LEU A 56 0.96 24.56 44.89
N ARG A 57 1.23 25.87 44.87
CA ARG A 57 1.98 26.48 43.76
C ARG A 57 3.38 25.88 43.72
N ILE A 58 3.99 25.67 44.88
CA ILE A 58 5.34 25.16 44.81
C ILE A 58 5.34 23.69 44.40
N LYS A 59 4.28 22.94 44.73
CA LYS A 59 4.15 21.59 44.19
C LYS A 59 4.17 21.59 42.67
N GLY A 60 3.38 22.50 42.06
CA GLY A 60 3.33 22.54 40.61
C GLY A 60 4.60 23.09 39.98
N VAL A 61 5.16 24.14 40.57
CA VAL A 61 6.33 24.79 40.00
C VAL A 61 7.55 23.87 40.11
N ALA A 62 7.77 23.31 41.29
CA ALA A 62 8.93 22.42 41.45
C ALA A 62 8.84 21.22 40.52
N TYR A 63 7.70 20.53 40.49
CA TYR A 63 7.56 19.37 39.61
C TYR A 63 7.88 19.74 38.17
N GLU A 64 7.37 20.88 37.70
CA GLU A 64 7.66 21.28 36.34
C GLU A 64 9.15 21.54 36.14
N GLY A 65 9.81 22.09 37.16
CA GLY A 65 11.24 22.23 37.08
C GLY A 65 11.94 20.90 36.89
N PHE A 66 11.50 19.89 37.64
CA PHE A 66 12.08 18.56 37.49
C PHE A 66 11.66 17.87 36.20
N PHE A 67 10.53 18.26 35.61
CA PHE A 67 10.19 17.72 34.30
C PHE A 67 11.14 18.25 33.24
N SER A 68 11.48 19.54 33.32
CA SER A 68 12.43 20.15 32.40
C SER A 68 13.82 19.53 32.52
N LEU A 69 14.29 19.34 33.76
CA LEU A 69 15.57 18.69 33.98
C LEU A 69 15.58 17.27 33.41
N THR A 70 14.54 16.48 33.71
CA THR A 70 14.49 15.11 33.24
C THR A 70 14.59 15.03 31.72
N ASN A 71 13.89 15.92 31.02
CA ASN A 71 13.83 15.89 29.55
C ASN A 71 14.83 16.81 28.88
N SER A 72 15.69 17.49 29.63
CA SER A 72 16.65 18.43 29.05
C SER A 72 15.95 19.54 28.27
N TRP A 73 14.76 19.92 28.72
CA TRP A 73 14.05 21.07 28.19
C TRP A 73 14.28 22.27 29.10
N ARG A 74 14.12 23.46 28.55
CA ARG A 74 14.25 24.66 29.35
C ARG A 74 13.02 24.84 30.22
N TYR A 75 13.22 25.00 31.53
CA TYR A 75 12.14 25.44 32.39
C TYR A 75 11.75 26.88 32.04
N ILE A 76 10.46 27.12 31.88
CA ILE A 76 9.92 28.42 31.51
C ILE A 76 9.02 28.92 32.64
N PRO A 77 9.32 30.04 33.30
CA PRO A 77 8.33 30.60 34.24
C PRO A 77 7.01 30.86 33.55
N GLU A 78 5.89 30.68 34.25
CA GLU A 78 4.55 30.93 33.67
C GLU A 78 4.51 32.25 32.91
N ASP A 79 5.06 33.31 33.50
CA ASP A 79 5.04 34.65 32.89
C ASP A 79 5.72 34.67 31.52
N LEU A 80 6.65 33.77 31.26
CA LEU A 80 7.41 33.81 29.98
C LEU A 80 6.96 32.70 29.03
N LYS A 81 5.90 32.01 29.38
CA LYS A 81 5.44 30.89 28.56
C LYS A 81 4.71 31.40 27.32
N PRO A 82 5.07 30.92 26.13
CA PRO A 82 4.35 31.34 24.92
C PRO A 82 2.91 30.83 24.92
N THR A 83 2.04 31.62 24.32
CA THR A 83 0.70 31.16 24.00
C THR A 83 0.68 30.43 22.66
N LEU A 84 -0.47 29.86 22.33
CA LEU A 84 -0.64 29.23 21.03
C LEU A 84 -0.51 30.26 19.91
N GLY A 85 -1.19 31.41 20.06
CA GLY A 85 -1.14 32.43 19.02
C GLY A 85 0.25 32.95 18.75
N MET A 86 1.05 33.12 19.81
CA MET A 86 2.44 33.53 19.64
C MET A 86 3.22 32.49 18.86
N ALA A 87 2.88 31.22 19.03
CA ALA A 87 3.58 30.16 18.31
C ALA A 87 3.19 30.14 16.83
N ILE A 88 1.89 30.24 16.53
CA ILE A 88 1.47 30.35 15.14
C ILE A 88 2.07 31.59 14.51
N GLN A 89 2.08 32.71 15.26
CA GLN A 89 2.63 33.96 14.72
C GLN A 89 4.09 33.80 14.33
N THR A 90 4.89 33.14 15.16
CA THR A 90 6.32 33.10 14.88
C THR A 90 6.73 31.90 14.03
N VAL A 91 6.12 30.73 14.23
CA VAL A 91 6.56 29.54 13.50
C VAL A 91 5.84 29.42 12.15
N PHE A 92 4.57 29.79 12.09
CA PHE A 92 3.79 29.70 10.86
C PHE A 92 3.22 31.06 10.47
N PRO A 93 4.09 32.05 10.21
CA PRO A 93 3.59 33.40 9.94
C PRO A 93 2.73 33.50 8.69
N ASP A 94 2.95 32.65 7.69
CA ASP A 94 2.12 32.66 6.49
C ASP A 94 0.68 32.20 6.75
N LYS A 95 0.41 31.54 7.87
CA LYS A 95 -0.92 31.04 8.17
C LYS A 95 -1.58 31.75 9.34
N PHE A 96 -0.94 32.77 9.89
CA PHE A 96 -1.44 33.39 11.13
C PHE A 96 -2.77 34.11 10.90
N GLU A 97 -2.90 34.81 9.76
CA GLU A 97 -4.15 35.50 9.47
C GLU A 97 -5.32 34.52 9.40
N LYS A 98 -5.14 33.36 8.76
CA LYS A 98 -6.20 32.36 8.74
C LYS A 98 -6.41 31.75 10.12
N PHE A 99 -5.34 31.57 10.90
CA PHE A 99 -5.48 31.14 12.28
C PHE A 99 -6.39 32.08 13.08
N LEU A 100 -6.32 33.39 12.80
CA LEU A 100 -7.17 34.36 13.49
C LEU A 100 -8.63 34.26 13.05
N GLU A 101 -8.87 34.16 11.74
CA GLU A 101 -10.23 34.07 11.23
C GLU A 101 -10.97 32.85 11.76
N ARG A 102 -10.27 31.71 11.86
CA ARG A 102 -10.90 30.48 12.32
C ARG A 102 -11.06 30.44 13.84
N THR A 103 -10.41 31.36 14.56
CA THR A 103 -10.57 31.43 16.01
C THR A 103 -11.49 32.57 16.43
N HIS A 104 -12.30 33.07 15.51
CA HIS A 104 -13.27 34.12 15.86
C HIS A 104 -14.27 33.61 16.88
N LEU A 105 -14.78 32.40 16.69
CA LEU A 105 -15.78 31.81 17.57
C LEU A 105 -15.18 31.08 18.75
N HIS A 106 -13.85 31.05 18.87
CA HIS A 106 -13.16 30.45 20.02
C HIS A 106 -11.90 31.24 20.32
N PRO A 107 -12.02 32.53 20.66
CA PRO A 107 -10.84 33.37 20.78
C PRO A 107 -9.90 32.94 21.89
N GLU A 108 -10.42 32.19 22.87
CA GLU A 108 -9.58 31.70 23.95
C GLU A 108 -8.55 30.68 23.47
N TYR A 109 -8.72 30.12 22.27
CA TYR A 109 -7.68 29.27 21.69
C TYR A 109 -6.39 30.04 21.57
N ARG A 110 -6.44 31.28 21.07
CA ARG A 110 -5.23 32.06 20.86
C ARG A 110 -4.42 32.19 22.13
N ASP A 111 -5.06 32.08 23.29
CA ASP A 111 -4.43 32.35 24.56
C ASP A 111 -4.09 31.08 25.33
N PHE A 112 -4.41 29.91 24.80
CA PHE A 112 -4.00 28.65 25.45
C PHE A 112 -2.50 28.64 25.64
N THR A 113 -2.06 28.33 26.86
CA THR A 113 -0.65 28.41 27.23
C THR A 113 -0.24 27.07 27.82
N PRO A 114 0.35 26.19 27.03
CA PRO A 114 0.73 24.87 27.54
C PRO A 114 2.02 24.93 28.34
N ASP A 115 2.27 23.85 29.07
CA ASP A 115 3.49 23.78 29.86
C ASP A 115 4.73 23.91 28.98
N TYR A 116 4.73 23.26 27.83
CA TYR A 116 5.83 23.35 26.87
C TYR A 116 5.26 23.52 25.49
N LEU A 117 5.70 24.55 24.79
CA LEU A 117 5.31 24.83 23.42
C LEU A 117 6.61 24.83 22.61
N MET A 118 6.89 23.73 21.95
CA MET A 118 8.11 23.60 21.17
C MET A 118 7.80 23.39 19.70
N CYS A 119 8.86 23.57 18.91
CA CYS A 119 8.77 23.37 17.44
C CYS A 119 9.95 22.48 17.07
N ARG A 120 9.91 21.87 15.90
CA ARG A 120 11.09 21.07 15.50
C ARG A 120 12.16 22.06 15.06
N SER A 121 13.38 21.85 15.55
CA SER A 121 14.51 22.69 15.09
C SER A 121 14.36 22.96 13.59
N ARG A 122 14.07 24.20 13.23
CA ARG A 122 13.94 24.60 11.83
C ARG A 122 15.32 24.74 11.19
N ILE A 123 16.36 24.52 11.99
CA ILE A 123 17.75 24.56 11.54
C ILE A 123 18.09 23.27 10.80
N ALA A 177 9.11 32.92 21.93
CA ALA A 177 9.76 32.19 23.03
C ALA A 177 9.53 30.67 22.91
N VAL A 178 9.09 30.24 21.72
CA VAL A 178 8.86 28.78 21.48
C VAL A 178 10.21 28.06 21.48
N GLN A 179 10.34 27.07 22.33
CA GLN A 179 11.60 26.29 22.40
C GLN A 179 11.66 25.38 21.19
N GLU A 180 12.86 24.89 20.90
CA GLU A 180 13.06 23.99 19.78
C GLU A 180 13.59 22.66 20.31
N VAL A 181 13.28 21.58 19.60
CA VAL A 181 13.70 20.24 20.00
C VAL A 181 14.20 19.52 18.75
N SER A 182 15.07 18.53 18.98
CA SER A 182 15.67 17.79 17.88
C SER A 182 14.62 16.99 17.11
N SER A 183 13.68 16.37 17.80
CA SER A 183 12.71 15.53 17.12
C SER A 183 11.43 15.47 17.95
N VAL A 184 10.31 15.80 17.30
CA VAL A 184 9.01 15.67 17.96
C VAL A 184 8.65 14.19 18.11
N SER A 185 8.82 13.42 17.03
CA SER A 185 8.45 12.01 17.07
C SER A 185 9.19 11.25 18.17
N ALA A 186 10.44 11.65 18.45
CA ALA A 186 11.19 11.00 19.53
C ALA A 186 10.56 11.25 20.89
N VAL A 187 10.07 12.48 21.14
CA VAL A 187 9.37 12.74 22.39
C VAL A 187 8.07 11.94 22.45
N VAL A 188 7.31 11.92 21.34
CA VAL A 188 6.06 11.18 21.32
C VAL A 188 6.31 9.70 21.59
N ASP A 189 7.36 9.14 20.97
CA ASP A 189 7.64 7.71 21.13
C ASP A 189 8.02 7.38 22.56
N ARG A 190 8.83 8.23 23.21
CA ARG A 190 9.23 7.91 24.58
C ARG A 190 8.07 8.09 25.56
N PHE A 191 7.11 8.95 25.24
CA PHE A 191 5.90 9.02 26.05
C PHE A 191 5.06 7.76 25.87
N LYS A 192 4.90 7.34 24.60
CA LYS A 192 4.11 6.16 24.29
C LYS A 192 4.73 4.90 24.87
N SER A 193 6.07 4.84 24.87
CA SER A 193 6.78 3.69 25.43
C SER A 193 6.49 3.52 26.92
N LYS A 194 6.71 4.58 27.72
CA LYS A 194 6.45 4.48 29.16
C LYS A 194 4.97 4.21 29.44
N SER A 195 4.07 4.78 28.64
CA SER A 195 2.65 4.47 28.84
C SER A 195 2.39 3.00 28.58
N SER A 196 2.94 2.47 27.50
CA SER A 196 2.80 1.06 27.13
C SER A 196 3.51 0.15 28.13
N GLU A 197 4.67 0.56 28.64
CA GLU A 197 5.51 -0.29 29.48
C GLU A 197 5.08 -0.28 30.95
N LYS A 198 4.77 0.89 31.49
CA LYS A 198 4.48 1.03 32.92
C LYS A 198 3.00 1.30 33.20
N GLY A 199 2.15 1.31 32.18
CA GLY A 199 0.73 1.54 32.40
C GLY A 199 0.37 2.97 32.77
N ARG A 200 1.26 3.93 32.53
CA ARG A 200 1.05 5.34 32.87
C ARG A 200 0.06 5.98 31.90
N PRO A 201 -1.05 6.51 32.38
CA PRO A 201 -2.02 7.18 31.49
C PRO A 201 -1.45 8.42 30.81
N ILE A 202 -1.49 8.42 29.48
CA ILE A 202 -1.24 9.61 28.68
C ILE A 202 -2.44 9.81 27.77
N ARG A 203 -2.52 11.01 27.22
CA ARG A 203 -3.36 11.24 26.05
C ARG A 203 -2.49 11.92 25.01
N GLN A 204 -2.83 11.70 23.75
CA GLN A 204 -1.93 12.01 22.65
C GLN A 204 -2.77 12.25 21.40
N GLU A 205 -2.58 13.40 20.77
CA GLU A 205 -3.37 13.80 19.62
C GLU A 205 -2.45 14.48 18.60
N GLU A 206 -2.60 14.10 17.34
CA GLU A 206 -1.80 14.62 16.25
C GLU A 206 -2.74 15.21 15.20
N SER A 207 -2.48 16.44 14.80
CA SER A 207 -3.27 17.04 13.73
C SER A 207 -3.02 16.31 12.42
N ARG A 208 -4.05 16.25 11.59
CA ARG A 208 -3.90 15.57 10.31
C ARG A 208 -4.94 16.10 9.32
N PRO A 209 -4.53 16.90 8.35
CA PRO A 209 -5.49 17.39 7.35
C PRO A 209 -6.06 16.22 6.53
N LYS A 210 -7.39 16.16 6.46
CA LYS A 210 -8.11 15.10 5.75
C LYS A 210 -7.51 13.77 6.19
N THR A 211 -7.02 12.94 5.28
CA THR A 211 -6.40 11.66 5.59
C THR A 211 -4.97 11.62 5.03
N GLU A 212 -4.28 12.76 5.10
CA GLU A 212 -2.99 12.92 4.46
C GLU A 212 -1.96 11.94 5.00
N SER A 213 -1.09 11.49 4.12
CA SER A 213 0.05 10.68 4.48
C SER A 213 1.24 11.57 4.82
N MET A 214 2.11 11.08 5.71
CA MET A 214 3.42 11.70 5.83
C MET A 214 4.21 11.50 4.53
N GLN A 215 5.26 12.29 4.37
CA GLN A 215 6.01 12.34 3.12
C GLN A 215 7.49 12.34 3.46
N GLU A 216 8.30 11.92 2.47
CA GLU A 216 9.73 11.73 2.66
C GLU A 216 10.57 12.66 1.79
N ASP A 217 9.96 13.53 0.99
CA ASP A 217 10.65 14.34 0.01
C ASP A 217 10.67 15.82 0.38
N ILE A 218 10.12 16.20 1.54
CA ILE A 218 10.09 17.59 1.98
C ILE A 218 9.80 17.59 3.48
N GLU A 219 10.41 18.54 4.19
CA GLU A 219 10.15 18.72 5.61
C GLU A 219 9.21 19.90 5.84
N VAL A 220 8.39 19.78 6.87
CA VAL A 220 7.50 20.86 7.26
C VAL A 220 7.80 21.23 8.70
N ASP A 221 7.51 22.48 9.05
CA ASP A 221 7.57 22.86 10.45
C ASP A 221 6.44 22.20 11.21
N GLU A 222 6.65 22.03 12.51
CA GLU A 222 5.68 21.33 13.35
C GLU A 222 5.85 21.76 14.80
N LEU A 223 4.78 21.60 15.56
CA LEU A 223 4.76 21.96 16.97
C LEU A 223 4.55 20.73 17.84
N LEU A 224 5.19 20.74 19.01
CA LEU A 224 4.88 19.80 20.07
C LEU A 224 4.33 20.57 21.25
N ILE A 225 3.12 20.22 21.66
CA ILE A 225 2.44 20.86 22.79
C ILE A 225 2.35 19.82 23.90
N VAL A 226 2.92 20.15 25.06
CA VAL A 226 3.03 19.20 26.17
C VAL A 226 2.44 19.79 27.43
N GLU A 227 1.56 19.03 28.08
CA GLU A 227 0.97 19.38 29.37
C GLU A 227 1.42 18.34 30.39
N VAL A 228 1.83 18.79 31.57
CA VAL A 228 2.34 17.91 32.62
C VAL A 228 1.67 18.34 33.92
N GLY A 229 1.86 17.54 34.97
CA GLY A 229 1.32 17.94 36.24
C GLY A 229 1.52 16.89 37.31
N TYR A 230 1.23 17.32 38.54
CA TYR A 230 1.46 16.54 39.75
C TYR A 230 0.20 16.71 40.59
N GLN A 231 -0.73 15.76 40.45
CA GLN A 231 -1.99 15.84 41.19
C GLN A 231 -2.61 14.46 41.25
N THR A 232 -3.48 14.28 42.24
CA THR A 232 -3.97 12.96 42.61
C THR A 232 -4.71 12.30 41.45
N ASP A 233 -5.65 13.01 40.83
CA ASP A 233 -6.46 12.46 39.73
C ASP A 233 -5.67 12.52 38.43
N ILE A 234 -4.83 11.51 38.25
CA ILE A 234 -4.00 11.42 37.05
C ILE A 234 -4.87 11.22 35.80
N GLU A 235 -5.75 10.22 35.84
CA GLU A 235 -6.66 9.97 34.73
C GLU A 235 -7.44 11.23 34.35
N GLY A 236 -8.05 11.89 35.33
CA GLY A 236 -8.85 13.08 35.03
C GLY A 236 -8.04 14.20 34.43
N LYS A 237 -6.77 14.34 34.83
CA LYS A 237 -5.92 15.39 34.28
C LYS A 237 -5.72 15.21 32.78
N VAL A 238 -5.36 13.99 32.35
CA VAL A 238 -5.06 13.84 30.92
C VAL A 238 -6.34 13.88 30.10
N ILE A 239 -7.46 13.41 30.64
CA ILE A 239 -8.72 13.44 29.91
C ILE A 239 -9.16 14.88 29.67
N SER A 240 -9.05 15.74 30.68
CA SER A 240 -9.47 17.12 30.50
C SER A 240 -8.49 17.91 29.64
N ASP A 241 -7.18 17.60 29.75
CA ASP A 241 -6.19 18.27 28.91
C ASP A 241 -6.44 18.01 27.43
N ILE A 242 -6.60 16.75 27.05
CA ILE A 242 -6.77 16.44 25.63
C ILE A 242 -8.13 16.92 25.15
N GLU A 243 -9.09 17.09 26.04
CA GLU A 243 -10.38 17.67 25.66
C GLU A 243 -10.25 19.15 25.39
N LYS A 244 -9.44 19.86 26.18
CA LYS A 244 -9.17 21.27 25.94
C LYS A 244 -8.50 21.48 24.58
N TRP A 245 -7.53 20.63 24.24
CA TRP A 245 -6.70 20.82 23.06
C TRP A 245 -7.27 20.18 21.79
N LYS A 246 -8.31 19.36 21.91
CA LYS A 246 -8.89 18.70 20.74
C LYS A 246 -9.34 19.73 19.70
N GLY A 247 -10.09 20.74 20.15
CA GLY A 247 -10.54 21.79 19.24
C GLY A 247 -9.42 22.44 18.48
N VAL A 248 -8.25 22.62 19.11
CA VAL A 248 -7.21 23.32 18.38
C VAL A 248 -6.47 22.34 17.46
N VAL A 249 -6.36 21.07 17.86
CA VAL A 249 -5.87 20.03 16.93
C VAL A 249 -6.73 20.02 15.67
N ASN A 250 -8.05 19.98 15.84
CA ASN A 250 -8.97 20.01 14.68
C ASN A 250 -8.73 21.29 13.86
N LEU A 251 -8.59 22.44 14.53
CA LEU A 251 -8.29 23.70 13.80
C LEU A 251 -6.98 23.56 13.03
N MET A 252 -5.94 23.07 13.70
CA MET A 252 -4.62 22.87 13.07
C MET A 252 -4.76 21.99 11.81
N SER A 253 -5.58 20.94 11.89
CA SER A 253 -5.80 20.11 10.71
C SER A 253 -6.32 20.93 9.54
N HIS A 254 -7.22 21.87 9.81
CA HIS A 254 -7.79 22.67 8.73
C HIS A 254 -6.83 23.75 8.24
N LEU A 255 -5.81 24.10 9.02
CA LEU A 255 -4.79 25.04 8.56
C LEU A 255 -3.61 24.35 7.88
N GLY A 256 -3.60 23.01 7.82
CA GLY A 256 -2.45 22.30 7.32
C GLY A 256 -1.22 22.44 8.19
N ILE A 257 -1.40 22.58 9.50
CA ILE A 257 -0.29 22.73 10.45
C ILE A 257 -0.17 21.44 11.24
N LYS A 258 1.05 20.91 11.33
CA LYS A 258 1.32 19.65 12.03
C LYS A 258 1.59 19.93 13.49
N VAL A 259 0.73 19.44 14.37
CA VAL A 259 0.96 19.57 15.81
C VAL A 259 0.71 18.21 16.46
N ASN A 260 1.51 17.93 17.48
CA ASN A 260 1.23 16.86 18.43
C ASN A 260 0.97 17.47 19.79
N VAL A 261 -0.03 16.93 20.49
CA VAL A 261 -0.34 17.31 21.86
C VAL A 261 -0.14 16.09 22.76
N LEU A 262 0.66 16.25 23.82
CA LEU A 262 0.87 15.22 24.82
C LEU A 262 0.44 15.75 26.18
N THR A 263 -0.18 14.88 26.96
CA THR A 263 -0.48 15.21 28.36
C THR A 263 -0.23 13.96 29.20
N CYS A 264 0.27 14.18 30.41
CA CYS A 264 0.65 13.12 31.35
C CYS A 264 0.54 13.71 32.74
N ALA A 265 0.56 12.84 33.75
CA ALA A 265 0.45 13.29 35.14
C ALA A 265 1.05 12.27 36.09
N ASP A 266 1.66 12.75 37.17
CA ASP A 266 2.14 11.90 38.26
C ASP A 266 1.39 12.26 39.53
N ASN A 267 1.34 11.31 40.47
CA ASN A 267 0.89 11.63 41.82
C ASN A 267 1.82 10.91 42.80
N SER A 268 1.61 11.16 44.09
CA SER A 268 2.54 10.67 45.10
C SER A 268 2.50 9.16 45.28
N GLN A 269 1.46 8.48 44.77
CA GLN A 269 1.38 7.04 44.86
C GLN A 269 2.01 6.32 43.68
N THR A 270 2.36 7.03 42.61
CA THR A 270 3.10 6.41 41.52
C THR A 270 4.42 5.86 42.07
N PRO A 271 4.73 4.59 41.84
CA PRO A 271 6.00 4.06 42.35
C PRO A 271 7.17 4.89 41.85
N ARG A 272 8.18 5.02 42.71
CA ARG A 272 9.23 6.02 42.49
C ARG A 272 10.01 5.81 41.20
N THR A 273 10.11 4.58 40.71
CA THR A 273 10.77 4.30 39.45
C THR A 273 9.91 4.63 38.22
N ASP A 274 8.61 4.87 38.39
CA ASP A 274 7.68 4.92 37.27
C ASP A 274 7.26 6.34 36.88
N TRP A 275 7.86 7.37 37.47
CA TRP A 275 7.33 8.73 37.26
C TRP A 275 7.78 9.27 35.91
N TRP A 276 7.20 10.41 35.53
CA TRP A 276 7.66 11.13 34.36
C TRP A 276 8.92 11.94 34.62
N ILE A 277 9.38 12.00 35.87
CA ILE A 277 10.62 12.67 36.25
C ILE A 277 11.56 11.63 36.84
N ASP A 278 12.86 11.93 36.78
CA ASP A 278 13.88 11.06 37.34
C ASP A 278 13.54 10.69 38.78
N GLU A 279 13.81 9.45 39.16
CA GLU A 279 13.57 8.99 40.56
C GLU A 279 14.22 9.95 41.57
N LYS A 280 15.46 10.37 41.33
CA LYS A 280 16.17 11.29 42.27
C LYS A 280 15.31 12.52 42.53
N TYR A 281 14.64 13.03 41.51
CA TYR A 281 13.73 14.18 41.67
C TYR A 281 12.47 13.74 42.43
N VAL A 282 12.01 12.51 42.24
CA VAL A 282 10.86 12.04 43.01
C VAL A 282 11.16 12.09 44.50
N ARG A 283 12.37 11.68 44.90
CA ARG A 283 12.72 11.68 46.32
C ARG A 283 12.72 13.10 46.90
N LEU A 284 13.25 14.06 46.13
CA LEU A 284 13.33 15.44 46.61
C LEU A 284 11.94 16.03 46.85
N LEU A 285 10.98 15.73 45.97
CA LEU A 285 9.61 16.20 46.17
C LEU A 285 8.96 15.52 47.35
N LEU A 286 9.05 14.18 47.39
CA LEU A 286 8.40 13.45 48.48
C LEU A 286 9.00 13.80 49.84
N ASN A 287 10.30 14.10 49.91
CA ASN A 287 10.91 14.44 51.20
C ASN A 287 10.63 15.89 51.63
N SER A 288 10.23 16.74 50.70
CA SER A 288 9.99 18.15 51.04
C SER A 288 8.51 18.48 50.88
N ILE A 289 8.13 18.90 49.67
CA ILE A 289 6.78 19.40 49.42
C ILE A 289 5.72 18.43 49.90
N SER A 290 5.96 17.12 49.81
CA SER A 290 4.92 16.20 50.22
C SER A 290 4.78 16.15 51.75
N TYR A 291 5.89 16.13 52.48
CA TYR A 291 5.81 16.15 53.94
C TYR A 291 5.17 17.44 54.44
N LEU A 292 5.55 18.57 53.83
CA LEU A 292 4.97 19.86 54.23
C LEU A 292 3.46 19.81 54.15
N PHE A 293 2.92 19.14 53.12
CA PHE A 293 1.47 18.98 53.05
C PHE A 293 0.94 18.12 54.20
N LYS A 294 1.69 17.11 54.64
CA LYS A 294 1.25 16.29 55.76
C LYS A 294 1.28 17.08 57.07
N GLU A 295 2.33 17.89 57.29
CA GLU A 295 2.41 18.63 58.55
C GLU A 295 1.42 19.77 58.62
N LEU A 296 1.10 20.39 57.47
CA LEU A 296 0.10 21.44 57.46
C LEU A 296 -1.25 20.92 57.94
N LEU A 297 -1.64 19.72 57.50
CA LEU A 297 -2.90 19.11 57.90
C LEU A 297 -2.93 18.84 59.39
N GLU A 298 -2.04 17.95 59.84
CA GLU A 298 -2.01 17.48 61.22
C GLU A 298 -2.21 18.61 62.23
N ASN A 299 -1.52 19.73 62.04
CA ASN A 299 -1.74 20.92 62.85
C ASN A 299 -2.80 21.79 62.21
N GLU B 1 23.09 -0.50 -8.86
CA GLU B 1 21.70 -0.50 -9.28
C GLU B 1 20.76 -0.92 -8.14
N VAL B 2 19.61 -0.23 -8.08
CA VAL B 2 18.62 -0.52 -7.06
C VAL B 2 17.93 -1.83 -7.43
N LYS B 3 17.77 -2.71 -6.46
CA LYS B 3 17.03 -3.94 -6.74
C LYS B 3 16.28 -4.41 -5.50
N LEU B 4 15.06 -4.90 -5.73
CA LEU B 4 14.21 -5.44 -4.69
C LEU B 4 13.84 -6.86 -5.08
N GLU B 5 14.04 -7.82 -4.20
CA GLU B 5 13.80 -9.21 -4.55
C GLU B 5 12.88 -9.85 -3.52
N GLU B 6 11.64 -10.10 -3.94
CA GLU B 6 10.65 -10.78 -3.09
C GLU B 6 10.87 -12.29 -3.08
N SER B 7 10.47 -12.90 -1.98
CA SER B 7 10.42 -14.35 -1.85
C SER B 7 9.30 -14.70 -0.89
N GLY B 8 9.03 -15.99 -0.76
CA GLY B 8 8.07 -16.45 0.21
C GLY B 8 6.69 -16.75 -0.34
N GLY B 9 6.44 -16.48 -1.61
CA GLY B 9 5.17 -16.83 -2.21
C GLY B 9 4.93 -18.33 -2.24
N GLY B 10 3.76 -18.72 -2.70
CA GLY B 10 3.41 -20.13 -2.75
C GLY B 10 1.92 -20.31 -2.50
N LEU B 11 1.54 -21.53 -2.13
CA LEU B 11 0.16 -21.94 -1.99
C LEU B 11 -0.21 -22.00 -0.51
N VAL B 12 -1.35 -21.38 -0.15
CA VAL B 12 -1.83 -21.35 1.23
C VAL B 12 -3.31 -21.73 1.23
N ARG B 13 -3.71 -22.54 2.21
CA ARG B 13 -5.12 -22.82 2.39
C ARG B 13 -5.82 -21.58 2.91
N PRO B 14 -7.10 -21.41 2.60
CA PRO B 14 -7.85 -20.29 3.18
C PRO B 14 -7.80 -20.38 4.69
N GLY B 15 -7.71 -19.21 5.34
CA GLY B 15 -7.48 -19.16 6.76
C GLY B 15 -6.04 -19.29 7.18
N GLY B 16 -5.16 -19.75 6.29
CA GLY B 16 -3.77 -19.96 6.63
C GLY B 16 -2.98 -18.66 6.62
N SER B 17 -1.66 -18.81 6.79
CA SER B 17 -0.74 -17.71 7.00
C SER B 17 0.49 -17.87 6.11
N ARG B 18 1.15 -16.74 5.81
CA ARG B 18 2.33 -16.72 4.97
C ARG B 18 3.12 -15.43 5.20
N LYS B 19 4.45 -15.56 5.30
CA LYS B 19 5.34 -14.41 5.48
C LYS B 19 6.17 -14.19 4.21
N LEU B 20 6.03 -13.01 3.61
CA LEU B 20 6.83 -12.62 2.47
C LEU B 20 8.01 -11.79 2.93
N SER B 21 9.14 -11.95 2.23
CA SER B 21 10.30 -11.11 2.45
C SER B 21 10.63 -10.41 1.15
N CYS B 22 11.35 -9.31 1.31
CA CYS B 22 11.84 -8.55 0.18
C CYS B 22 13.25 -8.09 0.55
N ALA B 23 14.24 -8.51 -0.23
CA ALA B 23 15.64 -8.12 -0.02
C ALA B 23 15.95 -6.91 -0.88
N ALA B 24 16.50 -5.88 -0.27
CA ALA B 24 16.81 -4.64 -0.98
C ALA B 24 18.32 -4.45 -1.07
N SER B 25 18.79 -4.01 -2.23
CA SER B 25 20.20 -3.73 -2.45
C SER B 25 20.37 -2.50 -3.33
N GLY B 26 21.57 -1.92 -3.28
CA GLY B 26 21.94 -0.84 -4.18
C GLY B 26 21.59 0.55 -3.69
N PHE B 27 21.06 0.68 -2.48
CA PHE B 27 20.75 1.97 -1.88
C PHE B 27 20.73 1.78 -0.38
N THR B 28 20.74 2.89 0.35
CA THR B 28 20.77 2.84 1.81
C THR B 28 19.35 2.57 2.30
N PHE B 29 19.04 1.27 2.36
CA PHE B 29 17.70 0.81 2.69
C PHE B 29 17.13 1.51 3.93
N SER B 30 17.94 1.68 4.98
CA SER B 30 17.42 2.11 6.27
C SER B 30 16.97 3.57 6.28
N SER B 31 17.18 4.33 5.21
CA SER B 31 16.76 5.72 5.16
C SER B 31 15.45 5.93 4.42
N TYR B 32 14.78 4.87 3.97
CA TYR B 32 13.68 5.07 3.04
C TYR B 32 12.48 4.22 3.44
N GLY B 33 11.29 4.79 3.23
CA GLY B 33 10.08 4.01 3.41
C GLY B 33 9.98 2.91 2.37
N MET B 34 9.27 1.85 2.75
CA MET B 34 9.07 0.69 1.89
C MET B 34 7.60 0.30 1.87
N GLN B 35 7.19 -0.33 0.77
CA GLN B 35 5.79 -0.60 0.47
C GLN B 35 5.60 -2.00 -0.09
N TRP B 36 4.38 -2.52 0.09
CA TRP B 36 3.91 -3.71 -0.62
C TRP B 36 2.71 -3.33 -1.47
N VAL B 37 2.73 -3.78 -2.74
CA VAL B 37 1.64 -3.63 -3.70
C VAL B 37 1.30 -5.02 -4.23
N ARG B 38 0.04 -5.22 -4.61
CA ARG B 38 -0.36 -6.52 -5.12
C ARG B 38 -1.24 -6.35 -6.33
N GLN B 39 -1.32 -7.42 -7.11
CA GLN B 39 -2.14 -7.45 -8.32
C GLN B 39 -2.76 -8.83 -8.48
N ALA B 40 -4.07 -8.91 -8.29
CA ALA B 40 -4.80 -10.15 -8.57
C ALA B 40 -4.79 -10.44 -10.08
N PRO B 41 -4.84 -11.74 -10.46
CA PRO B 41 -4.72 -12.12 -11.86
C PRO B 41 -5.69 -11.39 -12.82
N GLU B 42 -5.14 -10.71 -13.83
CA GLU B 42 -5.95 -10.01 -14.86
C GLU B 42 -6.66 -8.77 -14.29
N LYS B 43 -6.19 -8.28 -13.16
CA LYS B 43 -6.83 -7.10 -12.52
C LYS B 43 -5.82 -5.97 -12.39
N GLY B 44 -6.23 -4.88 -11.75
CA GLY B 44 -5.35 -3.72 -11.59
C GLY B 44 -4.52 -3.76 -10.32
N LEU B 45 -3.70 -2.74 -10.14
CA LEU B 45 -2.82 -2.71 -8.97
C LEU B 45 -3.60 -2.32 -7.72
N GLU B 46 -3.13 -2.80 -6.57
CA GLU B 46 -3.78 -2.53 -5.30
C GLU B 46 -2.73 -2.36 -4.22
N TRP B 47 -2.64 -1.16 -3.66
CA TRP B 47 -1.67 -0.88 -2.60
C TRP B 47 -2.03 -1.68 -1.36
N VAL B 48 -1.01 -2.14 -0.64
CA VAL B 48 -1.18 -3.02 0.51
C VAL B 48 -0.73 -2.38 1.81
N ALA B 49 0.51 -1.90 1.87
CA ALA B 49 1.04 -1.42 3.15
C ALA B 49 2.26 -0.54 2.91
N TYR B 50 2.48 0.40 3.86
CA TYR B 50 3.65 1.28 3.87
C TYR B 50 4.32 1.20 5.24
N ILE B 51 5.63 1.36 5.29
CA ILE B 51 6.34 1.44 6.57
C ILE B 51 7.47 2.45 6.43
N SER B 52 7.51 3.41 7.36
CA SER B 52 8.54 4.45 7.32
C SER B 52 9.91 3.84 7.58
N SER B 53 10.93 4.65 7.31
CA SER B 53 12.31 4.19 7.42
C SER B 53 12.61 3.66 8.83
N GLY B 54 12.12 4.37 9.85
CA GLY B 54 12.37 3.98 11.21
C GLY B 54 11.25 3.18 11.84
N SER B 55 10.35 2.64 11.01
CA SER B 55 9.19 1.84 11.41
C SER B 55 8.20 2.62 12.27
N ARG B 56 8.35 3.94 12.37
CA ARG B 56 7.47 4.72 13.26
C ARG B 56 6.08 4.86 12.68
N THR B 57 5.96 4.98 11.37
CA THR B 57 4.68 5.19 10.71
C THR B 57 4.38 4.02 9.81
N ILE B 58 3.22 3.40 10.04
CA ILE B 58 2.77 2.25 9.28
C ILE B 58 1.37 2.54 8.78
N TYR B 59 1.12 2.29 7.50
CA TYR B 59 -0.22 2.36 6.93
C TYR B 59 -0.62 1.02 6.33
N TYR B 60 -1.92 0.75 6.30
CA TYR B 60 -2.49 -0.46 5.73
C TYR B 60 -3.71 -0.13 4.89
N ALA B 61 -3.85 -0.83 3.77
CA ALA B 61 -5.13 -0.86 3.06
C ALA B 61 -6.19 -1.46 3.96
N ASP B 62 -7.43 -0.95 3.87
CA ASP B 62 -8.47 -1.43 4.77
C ASP B 62 -8.77 -2.92 4.59
N THR B 63 -8.58 -3.45 3.36
CA THR B 63 -8.88 -4.86 3.10
C THR B 63 -7.91 -5.82 3.80
N VAL B 64 -6.78 -5.35 4.34
CA VAL B 64 -5.88 -6.23 5.09
C VAL B 64 -5.73 -5.83 6.54
N LYS B 65 -6.42 -4.80 7.01
CA LYS B 65 -6.27 -4.34 8.40
C LYS B 65 -6.64 -5.47 9.37
N GLY B 66 -5.81 -5.65 10.40
CA GLY B 66 -6.04 -6.70 11.37
C GLY B 66 -5.66 -8.09 10.91
N ARG B 67 -5.11 -8.22 9.71
CA ARG B 67 -4.68 -9.52 9.19
C ARG B 67 -3.22 -9.51 8.75
N PHE B 68 -2.76 -8.41 8.15
CA PHE B 68 -1.40 -8.32 7.64
C PHE B 68 -0.57 -7.45 8.55
N THR B 69 0.71 -7.78 8.68
CA THR B 69 1.65 -6.94 9.41
C THR B 69 2.85 -6.64 8.53
N ILE B 70 3.18 -5.37 8.39
CA ILE B 70 4.37 -4.96 7.68
C ILE B 70 5.46 -4.63 8.70
N SER B 71 6.67 -5.10 8.43
CA SER B 71 7.81 -4.82 9.30
C SER B 71 9.08 -4.83 8.46
N ARG B 72 10.19 -4.49 9.09
CA ARG B 72 11.46 -4.43 8.39
C ARG B 72 12.59 -4.70 9.36
N ASP B 73 13.74 -5.05 8.79
CA ASP B 73 14.97 -5.31 9.55
C ASP B 73 16.05 -4.50 8.84
N ASN B 74 16.33 -3.30 9.33
CA ASN B 74 17.23 -2.40 8.60
C ASN B 74 18.65 -2.95 8.52
N PRO B 75 19.21 -3.48 9.61
CA PRO B 75 20.55 -4.08 9.50
C PRO B 75 20.65 -5.21 8.48
N LYS B 76 19.52 -5.81 8.08
CA LYS B 76 19.55 -6.90 7.12
C LYS B 76 19.00 -6.50 5.75
N ASN B 77 18.64 -5.23 5.55
CA ASN B 77 18.15 -4.74 4.27
C ASN B 77 16.94 -5.54 3.78
N THR B 78 16.01 -5.81 4.69
CA THR B 78 14.92 -6.74 4.45
C THR B 78 13.60 -6.17 4.94
N LEU B 79 12.61 -6.22 4.04
CA LEU B 79 11.24 -5.83 4.28
C LEU B 79 10.38 -7.08 4.39
N PHE B 80 9.42 -7.08 5.32
CA PHE B 80 8.56 -8.23 5.52
C PHE B 80 7.08 -7.88 5.36
N LEU B 81 6.30 -8.90 4.98
CA LEU B 81 4.84 -8.86 5.08
C LEU B 81 4.37 -10.18 5.68
N GLN B 82 3.79 -10.11 6.87
CA GLN B 82 3.20 -11.27 7.53
C GLN B 82 1.71 -11.30 7.19
N MET B 83 1.28 -12.34 6.50
CA MET B 83 -0.11 -12.50 6.11
C MET B 83 -0.77 -13.55 6.99
N THR B 84 -1.96 -13.24 7.50
CA THR B 84 -2.77 -14.22 8.24
C THR B 84 -4.23 -14.13 7.81
N SER B 85 -5.01 -15.10 8.28
CA SER B 85 -6.41 -15.27 7.90
C SER B 85 -6.62 -15.03 6.41
N LEU B 86 -5.78 -15.67 5.61
CA LEU B 86 -5.79 -15.40 4.18
C LEU B 86 -7.09 -15.92 3.56
N ARG B 87 -7.57 -15.19 2.56
CA ARG B 87 -8.78 -15.54 1.81
C ARG B 87 -8.45 -15.65 0.33
N SER B 88 -9.35 -16.29 -0.42
CA SER B 88 -9.15 -16.43 -1.86
C SER B 88 -8.92 -15.07 -2.52
N GLU B 89 -9.56 -14.01 -2.03
CA GLU B 89 -9.40 -12.68 -2.60
C GLU B 89 -8.00 -12.09 -2.37
N ASP B 90 -7.15 -12.75 -1.59
CA ASP B 90 -5.77 -12.31 -1.42
C ASP B 90 -4.84 -12.96 -2.45
N THR B 91 -5.36 -13.85 -3.28
CA THR B 91 -4.55 -14.41 -4.36
C THR B 91 -4.09 -13.27 -5.26
N ALA B 92 -2.78 -13.13 -5.40
CA ALA B 92 -2.23 -12.02 -6.16
C ALA B 92 -0.74 -12.23 -6.28
N MET B 93 -0.16 -11.53 -7.25
CA MET B 93 1.27 -11.25 -7.28
C MET B 93 1.54 -10.12 -6.30
N TYR B 94 2.52 -10.32 -5.40
CA TYR B 94 2.86 -9.35 -4.37
C TYR B 94 4.20 -8.72 -4.68
N TYR B 95 4.22 -7.39 -4.82
CA TYR B 95 5.43 -6.63 -5.13
C TYR B 95 5.83 -5.81 -3.93
N CYS B 96 7.11 -5.78 -3.61
CA CYS B 96 7.57 -4.74 -2.72
C CYS B 96 8.11 -3.59 -3.56
N ALA B 97 8.03 -2.38 -3.02
CA ALA B 97 8.40 -1.21 -3.79
C ALA B 97 8.90 -0.13 -2.85
N THR B 98 9.50 0.90 -3.44
CA THR B 98 10.00 2.05 -2.68
C THR B 98 10.10 3.25 -3.60
N GLY B 99 9.96 4.43 -3.00
CA GLY B 99 10.21 5.65 -3.73
C GLY B 99 11.66 6.08 -3.78
N TYR B 100 12.53 5.46 -2.98
CA TYR B 100 13.91 5.92 -2.86
C TYR B 100 13.94 7.44 -2.73
N GLY B 101 13.11 7.95 -1.81
CA GLY B 101 13.01 9.38 -1.63
C GLY B 101 11.61 9.97 -1.61
N GLY B 102 10.58 9.14 -1.53
CA GLY B 102 9.21 9.63 -1.53
C GLY B 102 8.24 8.48 -1.47
N THR B 103 6.95 8.84 -1.49
CA THR B 103 5.88 7.87 -1.28
C THR B 103 5.37 7.24 -2.57
N TRP B 104 5.91 7.60 -3.72
CA TRP B 104 5.61 7.00 -5.01
C TRP B 104 6.39 5.68 -5.16
N PHE B 105 6.01 4.87 -6.16
CA PHE B 105 6.63 3.56 -6.38
C PHE B 105 7.65 3.69 -7.50
N ALA B 106 8.87 4.07 -7.14
CA ALA B 106 9.90 4.25 -8.16
C ALA B 106 10.58 2.94 -8.51
N TYR B 107 10.80 2.07 -7.53
CA TYR B 107 11.47 0.80 -7.73
C TYR B 107 10.55 -0.33 -7.30
N TRP B 108 10.45 -1.35 -8.13
CA TRP B 108 9.58 -2.49 -7.91
C TRP B 108 10.39 -3.78 -7.98
N GLY B 109 10.03 -4.75 -7.15
CA GLY B 109 10.54 -6.09 -7.35
C GLY B 109 9.85 -6.82 -8.49
N GLN B 110 10.34 -8.03 -8.77
CA GLN B 110 9.75 -8.89 -9.78
C GLN B 110 8.45 -9.51 -9.31
N GLY B 111 8.21 -9.52 -8.00
CA GLY B 111 6.98 -10.03 -7.47
C GLY B 111 7.06 -11.51 -7.12
N THR B 112 6.15 -11.92 -6.25
CA THR B 112 6.06 -13.32 -5.84
C THR B 112 4.58 -13.68 -5.74
N LEU B 113 4.22 -14.86 -6.24
CA LEU B 113 2.82 -15.25 -6.39
C LEU B 113 2.35 -15.95 -5.13
N VAL B 114 1.28 -15.44 -4.52
CA VAL B 114 0.61 -16.12 -3.43
C VAL B 114 -0.75 -16.58 -3.94
N THR B 115 -0.99 -17.89 -3.90
CA THR B 115 -2.29 -18.47 -4.27
C THR B 115 -2.99 -18.97 -3.01
N VAL B 116 -4.15 -18.41 -2.71
CA VAL B 116 -4.93 -18.81 -1.54
C VAL B 116 -6.09 -19.67 -2.03
N SER B 117 -6.01 -20.97 -1.73
CA SER B 117 -7.00 -21.91 -2.23
C SER B 117 -6.83 -23.24 -1.50
N ALA B 118 -7.92 -24.00 -1.43
CA ALA B 118 -7.88 -25.34 -0.86
C ALA B 118 -7.78 -26.45 -1.89
N ALA B 119 -7.67 -26.11 -3.17
CA ALA B 119 -7.40 -27.13 -4.17
C ALA B 119 -6.03 -27.74 -3.94
N SER B 120 -5.91 -29.01 -4.26
CA SER B 120 -4.65 -29.69 -4.06
C SER B 120 -3.83 -29.61 -5.34
N THR B 121 -2.52 -29.44 -5.17
CA THR B 121 -1.58 -29.37 -6.27
C THR B 121 -1.80 -30.52 -7.24
N LYS B 122 -1.78 -30.22 -8.54
CA LYS B 122 -2.07 -31.27 -9.52
C LYS B 122 -1.40 -30.92 -10.84
N GLY B 123 -0.66 -31.88 -11.39
CA GLY B 123 -0.09 -31.74 -12.70
C GLY B 123 -1.17 -31.76 -13.77
N PRO B 124 -0.86 -31.19 -14.93
CA PRO B 124 -1.86 -31.14 -15.99
C PRO B 124 -1.93 -32.45 -16.76
N SER B 125 -3.13 -32.74 -17.27
CA SER B 125 -3.29 -33.64 -18.38
C SER B 125 -3.04 -32.84 -19.65
N VAL B 126 -2.25 -33.40 -20.56
CA VAL B 126 -1.87 -32.71 -21.78
C VAL B 126 -2.42 -33.51 -22.93
N PHE B 127 -3.21 -32.86 -23.78
CA PHE B 127 -3.83 -33.55 -24.88
C PHE B 127 -3.48 -32.85 -26.19
N PRO B 128 -3.22 -33.61 -27.25
CA PRO B 128 -2.89 -32.99 -28.54
C PRO B 128 -4.11 -32.35 -29.19
N LEU B 129 -3.85 -31.23 -29.87
CA LEU B 129 -4.80 -30.63 -30.80
C LEU B 129 -4.19 -30.89 -32.18
N ALA B 130 -4.65 -31.96 -32.82
CA ALA B 130 -3.93 -32.45 -34.00
C ALA B 130 -4.27 -31.59 -35.21
N PRO B 131 -3.28 -31.28 -36.06
CA PRO B 131 -3.57 -30.59 -37.32
C PRO B 131 -4.45 -31.45 -38.23
N SER B 132 -5.35 -30.80 -38.96
CA SER B 132 -6.21 -31.48 -39.91
C SER B 132 -6.62 -30.48 -40.98
N SER B 133 -7.51 -30.90 -41.90
CA SER B 133 -8.01 -29.96 -42.91
C SER B 133 -8.86 -28.87 -42.27
N LYS B 134 -9.46 -29.16 -41.12
CA LYS B 134 -10.21 -28.18 -40.33
C LYS B 134 -9.32 -27.19 -39.59
N SER B 135 -7.99 -27.35 -39.65
CA SER B 135 -7.08 -26.42 -39.00
C SER B 135 -5.96 -26.01 -39.96
N THR B 136 -6.25 -26.02 -41.27
CA THR B 136 -5.32 -25.66 -42.33
C THR B 136 -5.85 -24.45 -43.08
N SER B 137 -4.99 -23.47 -43.27
CA SER B 137 -5.31 -22.27 -44.05
C SER B 137 -4.21 -22.07 -45.08
N GLY B 138 -4.54 -22.35 -46.35
CA GLY B 138 -3.56 -22.22 -47.42
C GLY B 138 -2.40 -23.17 -47.21
N GLY B 139 -1.20 -22.61 -47.12
CA GLY B 139 -0.02 -23.41 -46.84
C GLY B 139 0.35 -23.45 -45.36
N THR B 140 -0.60 -23.07 -44.49
CA THR B 140 -0.40 -22.99 -43.05
C THR B 140 -1.30 -24.00 -42.34
N ALA B 141 -0.75 -24.75 -41.40
CA ALA B 141 -1.54 -25.59 -40.52
C ALA B 141 -1.34 -25.16 -39.06
N ALA B 142 -2.44 -25.14 -38.31
CA ALA B 142 -2.40 -24.90 -36.87
C ALA B 142 -2.45 -26.22 -36.10
N LEU B 143 -1.70 -26.27 -35.01
CA LEU B 143 -1.73 -27.43 -34.13
C LEU B 143 -1.48 -26.93 -32.72
N GLY B 144 -1.61 -27.81 -31.73
CA GLY B 144 -1.39 -27.33 -30.39
C GLY B 144 -1.55 -28.39 -29.33
N CYS B 145 -1.72 -27.92 -28.08
CA CYS B 145 -1.84 -28.80 -26.93
C CYS B 145 -2.86 -28.22 -25.98
N LEU B 146 -3.75 -29.05 -25.49
CA LEU B 146 -4.66 -28.64 -24.44
C LEU B 146 -4.04 -29.05 -23.11
N VAL B 147 -3.82 -28.07 -22.24
CA VAL B 147 -3.14 -28.27 -20.97
C VAL B 147 -4.22 -28.13 -19.90
N LYS B 148 -4.78 -29.25 -19.45
CA LYS B 148 -6.03 -29.26 -18.71
C LYS B 148 -5.82 -29.58 -17.23
N ASP B 149 -6.57 -28.88 -16.38
CA ASP B 149 -6.79 -29.21 -14.96
C ASP B 149 -5.50 -29.32 -14.15
N TYR B 150 -4.80 -28.20 -14.07
CA TYR B 150 -3.59 -28.15 -13.24
C TYR B 150 -3.78 -27.15 -12.10
N PHE B 151 -2.92 -27.24 -11.08
CA PHE B 151 -2.96 -26.35 -9.90
C PHE B 151 -1.69 -26.52 -9.06
N PRO B 152 -1.12 -25.45 -8.47
CA PRO B 152 -1.51 -24.08 -8.75
C PRO B 152 -1.07 -23.50 -10.09
N GLU B 153 -1.18 -22.19 -10.25
CA GLU B 153 -1.02 -21.53 -11.57
C GLU B 153 0.28 -21.69 -12.34
N PRO B 154 1.46 -21.38 -11.83
CA PRO B 154 2.60 -21.39 -12.73
C PRO B 154 2.74 -22.64 -13.64
N VAL B 155 2.43 -22.51 -14.94
CA VAL B 155 2.72 -23.58 -15.95
C VAL B 155 3.49 -22.92 -17.11
N THR B 156 4.53 -23.57 -17.61
CA THR B 156 5.25 -23.06 -18.76
C THR B 156 5.10 -24.03 -19.92
N VAL B 157 4.94 -23.48 -21.11
CA VAL B 157 4.76 -24.28 -22.32
C VAL B 157 5.80 -23.83 -23.32
N SER B 158 6.47 -24.78 -23.95
CA SER B 158 7.35 -24.48 -25.05
C SER B 158 7.08 -25.51 -26.13
N TRP B 159 7.73 -25.35 -27.28
CA TRP B 159 7.57 -26.23 -28.40
C TRP B 159 8.94 -26.66 -28.89
N ASN B 160 9.10 -27.96 -29.11
CA ASN B 160 10.37 -28.52 -29.57
C ASN B 160 11.52 -27.99 -28.73
N SER B 161 11.31 -28.02 -27.41
CA SER B 161 12.29 -27.57 -26.41
C SER B 161 12.66 -26.10 -26.61
N GLY B 162 11.70 -25.30 -27.11
CA GLY B 162 11.94 -23.89 -27.33
C GLY B 162 12.49 -23.50 -28.69
N ALA B 163 12.84 -24.48 -29.54
CA ALA B 163 13.37 -24.12 -30.85
C ALA B 163 12.30 -23.46 -31.71
N LEU B 164 11.06 -23.84 -31.48
CA LEU B 164 9.93 -23.35 -32.27
C LEU B 164 9.28 -22.21 -31.48
N THR B 165 9.39 -20.98 -32.00
CA THR B 165 8.82 -19.84 -31.30
C THR B 165 7.89 -19.05 -32.21
N SER B 166 8.22 -19.01 -33.50
CA SER B 166 7.43 -18.23 -34.44
C SER B 166 6.01 -18.79 -34.53
N GLY B 167 5.02 -17.89 -34.44
CA GLY B 167 3.62 -18.27 -34.52
C GLY B 167 3.06 -19.03 -33.31
N VAL B 168 3.79 -19.10 -32.21
CA VAL B 168 3.29 -19.73 -30.99
C VAL B 168 2.37 -18.76 -30.25
N HIS B 169 1.19 -19.23 -29.88
CA HIS B 169 0.30 -18.48 -28.99
C HIS B 169 -0.06 -19.39 -27.83
N THR B 170 0.40 -19.03 -26.64
CA THR B 170 0.03 -19.73 -25.42
C THR B 170 -0.95 -18.86 -24.65
N PHE B 171 -2.15 -19.36 -24.48
CA PHE B 171 -3.23 -18.53 -23.96
C PHE B 171 -3.17 -18.44 -22.43
N PRO B 172 -3.59 -17.31 -21.87
CA PRO B 172 -3.70 -17.22 -20.41
C PRO B 172 -4.65 -18.27 -19.88
N ALA B 173 -4.29 -18.84 -18.73
CA ALA B 173 -5.10 -19.87 -18.11
C ALA B 173 -6.45 -19.31 -17.69
N VAL B 174 -7.42 -20.22 -17.56
CA VAL B 174 -8.73 -19.91 -17.01
C VAL B 174 -8.91 -20.70 -15.73
N LEU B 175 -9.26 -19.99 -14.67
CA LEU B 175 -9.61 -20.69 -13.42
C LEU B 175 -10.99 -21.29 -13.62
N GLN B 176 -11.08 -22.59 -13.46
CA GLN B 176 -12.34 -23.32 -13.65
C GLN B 176 -13.11 -23.35 -12.34
N SER B 177 -14.41 -23.64 -12.43
CA SER B 177 -15.28 -23.75 -11.23
C SER B 177 -14.74 -24.84 -10.31
N SER B 178 -14.17 -25.88 -10.88
CA SER B 178 -13.55 -26.91 -10.06
C SER B 178 -12.43 -26.38 -9.17
N GLY B 179 -11.92 -25.17 -9.41
CA GLY B 179 -10.75 -24.68 -8.70
C GLY B 179 -9.41 -24.97 -9.37
N LEU B 180 -9.40 -25.70 -10.48
CA LEU B 180 -8.19 -25.95 -11.28
C LEU B 180 -8.12 -24.97 -12.46
N TYR B 181 -6.95 -24.96 -13.11
CA TYR B 181 -6.71 -24.14 -14.28
C TYR B 181 -6.64 -24.99 -15.54
N SER B 182 -6.89 -24.35 -16.68
CA SER B 182 -6.68 -24.95 -17.98
C SER B 182 -6.25 -23.88 -18.94
N LEU B 183 -5.44 -24.27 -19.92
CA LEU B 183 -5.08 -23.40 -21.02
C LEU B 183 -4.78 -24.26 -22.24
N SER B 184 -4.59 -23.60 -23.36
CA SER B 184 -4.05 -24.26 -24.53
C SER B 184 -2.88 -23.46 -25.07
N SER B 185 -2.03 -24.16 -25.81
CA SER B 185 -0.96 -23.57 -26.61
C SER B 185 -1.15 -24.05 -28.04
N VAL B 186 -1.00 -23.13 -28.98
CA VAL B 186 -1.13 -23.45 -30.39
C VAL B 186 0.05 -22.87 -31.14
N VAL B 187 0.26 -23.37 -32.36
CA VAL B 187 1.32 -22.85 -33.22
C VAL B 187 0.90 -23.14 -34.65
N THR B 188 1.15 -22.17 -35.53
CA THR B 188 0.93 -22.37 -36.95
C THR B 188 2.27 -22.66 -37.60
N VAL B 189 2.31 -23.70 -38.42
CA VAL B 189 3.54 -24.16 -39.07
C VAL B 189 3.17 -24.36 -40.54
N PRO B 190 4.15 -24.53 -41.44
CA PRO B 190 3.78 -24.80 -42.84
C PRO B 190 3.19 -26.18 -42.97
N SER B 191 2.09 -26.28 -43.73
CA SER B 191 1.48 -27.59 -43.94
C SER B 191 2.46 -28.55 -44.58
N SER B 192 3.42 -28.04 -45.35
CA SER B 192 4.42 -28.91 -45.97
C SER B 192 5.28 -29.64 -44.95
N SER B 193 5.37 -29.14 -43.72
CA SER B 193 6.27 -29.75 -42.74
C SER B 193 5.61 -30.86 -41.93
N LEU B 194 4.29 -31.03 -42.02
CA LEU B 194 3.61 -32.14 -41.36
C LEU B 194 4.06 -33.46 -41.98
N GLY B 195 4.38 -34.45 -41.14
CA GLY B 195 4.95 -35.69 -41.64
C GLY B 195 6.45 -35.70 -41.76
N THR B 196 7.08 -34.53 -41.82
CA THR B 196 8.54 -34.45 -41.82
C THR B 196 9.09 -33.79 -40.57
N GLN B 197 8.40 -32.81 -40.01
CA GLN B 197 8.83 -32.19 -38.77
C GLN B 197 8.04 -32.78 -37.62
N THR B 198 8.76 -33.19 -36.57
CA THR B 198 8.11 -33.58 -35.34
C THR B 198 7.78 -32.33 -34.53
N TYR B 199 6.60 -32.33 -33.93
CA TYR B 199 6.18 -31.22 -33.09
C TYR B 199 5.85 -31.78 -31.72
N ILE B 200 6.56 -31.29 -30.70
CA ILE B 200 6.36 -31.70 -29.32
C ILE B 200 6.14 -30.44 -28.48
N CYS B 201 5.03 -30.38 -27.76
CA CYS B 201 4.87 -29.30 -26.79
C CYS B 201 5.44 -29.76 -25.45
N ASN B 202 6.22 -28.89 -24.82
CA ASN B 202 6.88 -29.20 -23.57
C ASN B 202 6.15 -28.45 -22.47
N VAL B 203 5.55 -29.20 -21.54
CA VAL B 203 4.70 -28.61 -20.51
C VAL B 203 5.37 -28.84 -19.15
N ASN B 204 5.75 -27.75 -18.50
CA ASN B 204 6.44 -27.79 -17.22
C ASN B 204 5.54 -27.18 -16.15
N HIS B 205 5.23 -27.97 -15.13
CA HIS B 205 4.45 -27.51 -13.97
C HIS B 205 5.31 -27.76 -12.75
N LYS B 206 6.11 -26.77 -12.40
CA LYS B 206 6.99 -26.86 -11.24
C LYS B 206 6.30 -27.08 -9.89
N PRO B 207 5.16 -26.45 -9.57
CA PRO B 207 4.54 -26.70 -8.25
C PRO B 207 4.18 -28.15 -8.00
N SER B 208 4.08 -28.97 -9.03
CA SER B 208 3.82 -30.40 -8.87
C SER B 208 4.99 -31.26 -9.34
N ASN B 209 6.08 -30.65 -9.79
CA ASN B 209 7.22 -31.36 -10.40
C ASN B 209 6.78 -32.21 -11.58
N THR B 210 5.81 -31.73 -12.34
CA THR B 210 5.34 -32.44 -13.52
C THR B 210 5.91 -31.81 -14.79
N LYS B 211 6.55 -32.63 -15.61
CA LYS B 211 6.98 -32.20 -16.92
C LYS B 211 6.44 -33.21 -17.93
N VAL B 212 5.77 -32.71 -18.95
CA VAL B 212 5.14 -33.55 -19.95
C VAL B 212 5.65 -33.13 -21.32
N ASP B 213 5.92 -34.12 -22.17
CA ASP B 213 6.32 -33.87 -23.55
C ASP B 213 5.33 -34.63 -24.40
N LYS B 214 4.52 -33.91 -25.16
CA LYS B 214 3.44 -34.48 -25.93
C LYS B 214 3.72 -34.25 -27.41
N LYS B 215 3.88 -35.34 -28.15
CA LYS B 215 4.00 -35.26 -29.59
C LYS B 215 2.62 -35.07 -30.20
N VAL B 216 2.48 -34.05 -31.04
CA VAL B 216 1.25 -33.76 -31.74
C VAL B 216 1.45 -34.17 -33.18
N GLU B 217 0.66 -35.13 -33.65
CA GLU B 217 0.79 -35.66 -35.00
C GLU B 217 -0.50 -35.45 -35.77
N PRO B 218 -0.44 -35.41 -37.10
CA PRO B 218 -1.67 -35.44 -37.89
C PRO B 218 -2.43 -36.71 -37.57
N LYS B 219 -3.74 -36.59 -37.45
CA LYS B 219 -4.56 -37.73 -37.11
C LYS B 219 -4.96 -38.43 -38.40
N SER B 220 -4.81 -39.76 -38.42
CA SER B 220 -5.14 -40.54 -39.61
C SER B 220 -6.48 -41.27 -39.44
N GLN C 1 -9.69 7.40 0.81
CA GLN C 1 -10.78 6.96 -0.06
C GLN C 1 -10.82 7.77 -1.36
N ILE C 2 -9.66 8.31 -1.73
CA ILE C 2 -9.53 8.98 -3.03
C ILE C 2 -9.79 7.98 -4.14
N VAL C 3 -10.70 8.33 -5.04
CA VAL C 3 -11.03 7.49 -6.19
C VAL C 3 -10.38 8.14 -7.41
N LEU C 4 -9.61 7.35 -8.14
CA LEU C 4 -8.94 7.86 -9.34
C LEU C 4 -9.62 7.26 -10.55
N SER C 5 -10.14 8.11 -11.42
CA SER C 5 -10.91 7.71 -12.59
C SER C 5 -10.08 7.97 -13.85
N GLN C 6 -9.69 6.89 -14.53
CA GLN C 6 -8.92 7.01 -15.75
C GLN C 6 -9.82 6.98 -16.97
N SER C 7 -9.44 7.74 -18.00
CA SER C 7 -10.16 7.68 -19.24
C SER C 7 -9.18 7.98 -20.38
N PRO C 8 -9.27 7.25 -21.48
CA PRO C 8 -10.23 6.18 -21.78
C PRO C 8 -9.82 4.87 -21.14
N LEU C 9 -10.71 3.86 -21.15
CA LEU C 9 -10.36 2.52 -20.68
C LEU C 9 -9.32 1.85 -21.59
N SER C 10 -9.47 2.03 -22.90
CA SER C 10 -8.57 1.52 -23.91
C SER C 10 -8.30 2.62 -24.92
N LEU C 11 -7.07 2.67 -25.41
CA LEU C 11 -6.64 3.69 -26.35
C LEU C 11 -5.88 3.01 -27.48
N PRO C 12 -6.55 2.75 -28.60
CA PRO C 12 -5.81 2.41 -29.83
C PRO C 12 -5.14 3.65 -30.39
N VAL C 13 -3.88 3.51 -30.77
CA VAL C 13 -3.15 4.64 -31.32
C VAL C 13 -2.14 4.12 -32.33
N SER C 14 -1.97 4.86 -33.42
CA SER C 14 -1.03 4.47 -34.46
C SER C 14 0.39 4.78 -34.01
N LEU C 15 1.34 4.00 -34.50
CA LEU C 15 2.75 4.27 -34.20
C LEU C 15 3.12 5.67 -34.68
N GLY C 16 3.79 6.43 -33.84
CA GLY C 16 4.18 7.78 -34.20
C GLY C 16 3.17 8.85 -33.85
N ASP C 17 1.94 8.50 -33.46
CA ASP C 17 0.97 9.50 -33.06
C ASP C 17 1.10 9.80 -31.58
N GLN C 18 0.39 10.84 -31.13
CA GLN C 18 0.36 11.20 -29.72
C GLN C 18 -0.73 10.39 -29.02
N ALA C 19 -0.49 10.06 -27.75
CA ALA C 19 -1.51 9.51 -26.89
C ALA C 19 -1.70 10.39 -25.66
N SER C 20 -2.95 10.51 -25.21
CA SER C 20 -3.23 11.34 -24.05
C SER C 20 -4.19 10.59 -23.15
N ILE C 21 -3.81 10.44 -21.88
CA ILE C 21 -4.55 9.63 -20.91
C ILE C 21 -4.89 10.52 -19.73
N SER C 22 -6.16 10.49 -19.33
CA SER C 22 -6.64 11.38 -18.27
C SER C 22 -6.80 10.62 -16.96
N CYS C 23 -6.56 11.31 -15.86
CA CYS C 23 -6.75 10.75 -14.53
C CYS C 23 -7.44 11.80 -13.68
N ARG C 24 -8.65 11.53 -13.24
CA ARG C 24 -9.39 12.46 -12.40
C ARG C 24 -9.47 11.92 -10.97
N SER C 25 -9.29 12.82 -10.02
CA SER C 25 -9.29 12.51 -8.59
C SER C 25 -10.61 12.94 -7.95
N SER C 26 -11.09 12.15 -7.01
CA SER C 26 -12.34 12.47 -6.32
C SER C 26 -12.17 13.63 -5.32
N GLN C 27 -10.96 13.89 -4.85
CA GLN C 27 -10.65 15.10 -4.11
C GLN C 27 -9.31 15.61 -4.59
N SER C 28 -8.99 16.83 -4.17
CA SER C 28 -7.71 17.42 -4.55
C SER C 28 -6.57 16.60 -3.97
N LEU C 29 -5.50 16.48 -4.75
CA LEU C 29 -4.27 15.81 -4.36
C LEU C 29 -3.19 16.78 -3.92
N LEU C 30 -3.51 18.06 -3.83
CA LEU C 30 -2.60 19.03 -3.22
C LEU C 30 -2.42 18.67 -1.75
N HIS C 31 -1.20 18.33 -1.37
CA HIS C 31 -0.88 18.08 0.02
C HIS C 31 -0.69 19.42 0.74
N SER C 32 -0.93 19.42 2.06
CA SER C 32 -0.67 20.59 2.86
C SER C 32 0.80 21.01 2.81
N ASN C 33 1.71 20.08 2.51
CA ASN C 33 3.10 20.49 2.39
C ASN C 33 3.39 21.20 1.07
N GLY C 34 2.39 21.35 0.19
CA GLY C 34 2.57 22.05 -1.06
C GLY C 34 2.83 21.17 -2.28
N ASN C 35 3.17 19.89 -2.08
CA ASN C 35 3.36 18.96 -3.18
C ASN C 35 2.06 18.26 -3.54
N THR C 36 2.01 17.74 -4.76
CA THR C 36 0.87 17.02 -5.30
C THR C 36 1.36 15.63 -5.71
N TYR C 37 0.94 14.61 -4.97
CA TYR C 37 1.46 13.26 -5.13
C TYR C 37 0.56 12.44 -6.05
N LEU C 38 0.61 12.80 -7.32
CA LEU C 38 -0.03 12.06 -8.40
C LEU C 38 1.05 11.54 -9.34
N HIS C 39 1.06 10.23 -9.59
CA HIS C 39 2.16 9.60 -10.31
C HIS C 39 1.62 8.67 -11.39
N TRP C 40 2.46 8.39 -12.39
CA TRP C 40 2.08 7.61 -13.56
C TRP C 40 3.02 6.42 -13.76
N TYR C 41 2.44 5.26 -14.08
CA TYR C 41 3.19 4.02 -14.25
C TYR C 41 2.76 3.35 -15.53
N LEU C 42 3.67 2.54 -16.09
CA LEU C 42 3.38 1.66 -17.20
C LEU C 42 3.69 0.22 -16.78
N GLN C 43 2.75 -0.69 -17.04
CA GLN C 43 3.00 -2.11 -16.85
C GLN C 43 2.93 -2.77 -18.22
N LYS C 44 4.08 -3.18 -18.74
CA LYS C 44 4.14 -3.98 -19.95
C LYS C 44 3.65 -5.39 -19.66
N PRO C 45 3.12 -6.09 -20.66
CA PRO C 45 2.56 -7.42 -20.40
C PRO C 45 3.63 -8.35 -19.83
N GLY C 46 3.28 -9.03 -18.73
CA GLY C 46 4.17 -9.98 -18.09
C GLY C 46 5.32 -9.39 -17.31
N GLN C 47 5.42 -8.07 -17.18
CA GLN C 47 6.45 -7.42 -16.37
C GLN C 47 5.84 -6.74 -15.15
N SER C 48 6.71 -6.35 -14.23
CA SER C 48 6.23 -5.55 -13.11
C SER C 48 6.00 -4.11 -13.58
N PRO C 49 5.22 -3.32 -12.84
CA PRO C 49 5.02 -1.92 -13.24
C PRO C 49 6.33 -1.14 -13.22
N LYS C 50 6.35 -0.04 -13.98
CA LYS C 50 7.48 0.89 -14.02
C LYS C 50 6.99 2.31 -13.81
N LEU C 51 7.69 3.07 -12.98
CA LEU C 51 7.37 4.48 -12.80
C LEU C 51 7.77 5.27 -14.03
N LEU C 52 6.90 6.20 -14.43
CA LEU C 52 7.18 7.13 -15.52
C LEU C 52 7.27 8.56 -15.04
N ILE C 53 6.27 9.03 -14.29
CA ILE C 53 6.14 10.42 -13.86
C ILE C 53 5.79 10.43 -12.38
N TYR C 54 6.51 11.22 -11.58
CA TYR C 54 6.17 11.39 -10.17
C TYR C 54 5.86 12.85 -9.91
N LYS C 55 5.00 13.08 -8.92
CA LYS C 55 4.49 14.40 -8.57
C LYS C 55 4.16 15.22 -9.82
N VAL C 56 3.18 14.70 -10.58
CA VAL C 56 2.48 15.37 -11.67
C VAL C 56 3.29 15.42 -12.96
N SER C 57 4.52 15.93 -12.90
CA SER C 57 5.23 16.26 -14.12
C SER C 57 6.73 15.94 -14.09
N ASN C 58 7.25 15.41 -12.98
CA ASN C 58 8.66 15.03 -12.88
C ASN C 58 8.88 13.70 -13.57
N ARG C 59 9.58 13.71 -14.70
CA ARG C 59 9.92 12.45 -15.35
C ARG C 59 10.97 11.70 -14.54
N PHE C 60 10.67 10.45 -14.23
CA PHE C 60 11.60 9.59 -13.49
C PHE C 60 12.88 9.40 -14.29
N SER C 61 14.01 9.34 -13.59
CA SER C 61 15.31 9.30 -14.25
C SER C 61 15.41 8.12 -15.20
N GLY C 62 15.86 8.38 -16.43
CA GLY C 62 16.00 7.35 -17.44
C GLY C 62 14.74 7.05 -18.24
N VAL C 63 13.59 7.63 -17.89
CA VAL C 63 12.38 7.40 -18.67
C VAL C 63 12.43 8.23 -19.94
N PRO C 64 12.10 7.66 -21.11
CA PRO C 64 12.21 8.41 -22.37
C PRO C 64 11.41 9.70 -22.32
N ASP C 65 11.89 10.71 -23.06
CA ASP C 65 11.26 12.02 -22.88
C ASP C 65 10.01 12.19 -23.73
N ARG C 66 9.60 11.16 -24.48
CA ARG C 66 8.25 11.23 -25.05
C ARG C 66 7.16 11.19 -23.98
N PHE C 67 7.48 10.82 -22.74
CA PHE C 67 6.49 10.78 -21.68
C PHE C 67 6.53 12.10 -20.92
N SER C 68 5.34 12.69 -20.71
CA SER C 68 5.24 13.85 -19.83
C SER C 68 3.88 13.82 -19.15
N GLY C 69 3.80 14.51 -18.02
CA GLY C 69 2.56 14.66 -17.30
C GLY C 69 2.33 16.11 -16.89
N SER C 70 1.05 16.48 -16.81
CA SER C 70 0.64 17.82 -16.40
C SER C 70 -0.63 17.71 -15.57
N GLY C 71 -1.05 18.84 -15.02
CA GLY C 71 -2.31 18.96 -14.30
C GLY C 71 -2.12 19.56 -12.93
N SER C 72 -3.24 19.64 -12.20
CA SER C 72 -3.23 20.17 -10.84
C SER C 72 -4.54 19.81 -10.17
N GLY C 73 -4.55 19.87 -8.84
CA GLY C 73 -5.75 19.65 -8.07
C GLY C 73 -6.38 18.27 -8.24
N THR C 74 -7.38 18.18 -9.10
CA THR C 74 -8.06 16.91 -9.36
C THR C 74 -7.98 16.45 -10.81
N ASP C 75 -7.26 17.16 -11.68
CA ASP C 75 -7.27 16.84 -13.12
C ASP C 75 -5.84 16.71 -13.64
N PHE C 76 -5.52 15.56 -14.20
CA PHE C 76 -4.15 15.26 -14.59
C PHE C 76 -4.14 14.51 -15.90
N THR C 77 -3.01 14.60 -16.61
CA THR C 77 -2.93 14.04 -17.96
C THR C 77 -1.52 13.54 -18.19
N LEU C 78 -1.42 12.32 -18.68
CA LEU C 78 -0.17 11.77 -19.18
C LEU C 78 -0.19 11.81 -20.71
N LYS C 79 0.86 12.35 -21.30
CA LYS C 79 0.97 12.41 -22.76
C LYS C 79 2.18 11.63 -23.21
N ILE C 80 1.98 10.85 -24.26
CA ILE C 80 3.05 10.23 -25.03
C ILE C 80 3.11 10.98 -26.36
N SER C 81 4.17 11.77 -26.56
CA SER C 81 4.23 12.66 -27.71
C SER C 81 4.26 11.87 -29.03
N ARG C 82 4.94 10.74 -29.05
CA ARG C 82 5.09 9.95 -30.27
C ARG C 82 5.17 8.48 -29.86
N VAL C 83 4.07 7.74 -30.07
CA VAL C 83 3.97 6.39 -29.54
C VAL C 83 4.92 5.45 -30.26
N GLU C 84 5.61 4.60 -29.49
CA GLU C 84 6.47 3.57 -30.05
C GLU C 84 5.93 2.19 -29.70
N ALA C 85 6.49 1.18 -30.36
CA ALA C 85 6.01 -0.19 -30.19
C ALA C 85 6.14 -0.64 -28.75
N GLU C 86 7.24 -0.26 -28.08
CA GLU C 86 7.45 -0.71 -26.71
C GLU C 86 6.46 -0.09 -25.71
N ASP C 87 5.60 0.83 -26.15
CA ASP C 87 4.70 1.49 -25.20
C ASP C 87 3.41 0.71 -24.99
N LEU C 88 3.23 -0.39 -25.72
CA LEU C 88 2.13 -1.32 -25.48
C LEU C 88 2.06 -1.70 -24.00
N GLY C 89 0.89 -1.56 -23.41
CA GLY C 89 0.76 -1.90 -22.00
C GLY C 89 -0.38 -1.17 -21.34
N VAL C 90 -0.41 -1.29 -20.02
CA VAL C 90 -1.47 -0.72 -19.20
C VAL C 90 -0.86 0.41 -18.40
N TYR C 91 -1.44 1.61 -18.55
CA TYR C 91 -0.99 2.79 -17.83
C TYR C 91 -1.88 3.01 -16.61
N PHE C 92 -1.24 3.22 -15.45
CA PHE C 92 -1.93 3.50 -14.20
C PHE C 92 -1.53 4.87 -13.70
N CYS C 93 -2.48 5.61 -13.20
CA CYS C 93 -2.16 6.69 -12.28
C CYS C 93 -2.35 6.18 -10.85
N SER C 94 -1.69 6.87 -9.92
CA SER C 94 -1.80 6.53 -8.51
C SER C 94 -1.47 7.77 -7.71
N GLN C 95 -2.05 7.87 -6.51
CA GLN C 95 -1.84 9.01 -5.64
C GLN C 95 -1.30 8.56 -4.29
N SER C 96 -0.42 9.38 -3.72
CA SER C 96 0.08 9.11 -2.37
C SER C 96 -0.05 10.34 -1.49
N THR C 97 -1.01 11.22 -1.78
CA THR C 97 -1.28 12.35 -0.90
C THR C 97 -2.00 11.90 0.36
N HIS C 98 -3.04 11.08 0.21
CA HIS C 98 -3.83 10.55 1.31
C HIS C 98 -3.65 9.05 1.46
N VAL C 99 -3.83 8.57 2.69
CA VAL C 99 -3.94 7.15 2.99
C VAL C 99 -5.42 6.80 2.89
N PRO C 100 -5.80 5.70 2.20
CA PRO C 100 -4.93 4.73 1.52
C PRO C 100 -4.41 5.27 0.22
N TYR C 101 -3.19 4.91 -0.15
CA TYR C 101 -2.73 5.14 -1.51
C TYR C 101 -3.59 4.33 -2.48
N THR C 102 -4.01 4.98 -3.57
CA THR C 102 -4.96 4.37 -4.47
C THR C 102 -4.46 4.48 -5.91
N PHE C 103 -4.92 3.55 -6.75
CA PHE C 103 -4.62 3.52 -8.18
C PHE C 103 -5.86 3.79 -9.01
N GLY C 104 -5.65 4.36 -10.20
CA GLY C 104 -6.67 4.32 -11.22
C GLY C 104 -6.92 2.88 -11.68
N GLY C 105 -7.95 2.71 -12.50
CA GLY C 105 -8.26 1.37 -12.96
C GLY C 105 -7.37 0.84 -14.09
N GLY C 106 -6.54 1.69 -14.67
CA GLY C 106 -5.71 1.26 -15.79
C GLY C 106 -6.27 1.69 -17.13
N THR C 107 -5.39 2.12 -18.03
CA THR C 107 -5.73 2.39 -19.42
C THR C 107 -4.87 1.49 -20.28
N LYS C 108 -5.51 0.68 -21.10
CA LYS C 108 -4.81 -0.24 -21.99
C LYS C 108 -4.47 0.49 -23.29
N LEU C 109 -3.19 0.71 -23.54
CA LEU C 109 -2.78 1.35 -24.79
C LEU C 109 -2.61 0.25 -25.81
N GLU C 110 -3.30 0.40 -26.94
CA GLU C 110 -3.33 -0.62 -27.97
C GLU C 110 -2.68 -0.06 -29.22
N ILE C 111 -1.82 -0.86 -29.87
CA ILE C 111 -1.16 -0.41 -31.09
C ILE C 111 -2.10 -0.62 -32.27
N LYS C 112 -2.45 0.46 -32.95
CA LYS C 112 -3.32 0.37 -34.11
C LYS C 112 -2.60 -0.30 -35.28
N ARG C 113 -3.31 -1.18 -35.96
CA ARG C 113 -2.83 -1.82 -37.18
C ARG C 113 -4.01 -1.95 -38.12
N THR C 114 -3.76 -2.43 -39.33
CA THR C 114 -4.86 -2.61 -40.27
C THR C 114 -5.70 -3.81 -39.87
N VAL C 115 -6.96 -3.79 -40.31
CA VAL C 115 -7.88 -4.87 -39.95
C VAL C 115 -7.29 -6.20 -40.37
N ALA C 116 -7.40 -7.20 -39.50
CA ALA C 116 -6.94 -8.54 -39.80
C ALA C 116 -8.03 -9.51 -39.38
N ALA C 117 -8.67 -10.16 -40.36
CA ALA C 117 -9.72 -11.13 -40.06
C ALA C 117 -9.10 -12.39 -39.45
N PRO C 118 -9.76 -13.01 -38.48
CA PRO C 118 -9.19 -14.24 -37.89
C PRO C 118 -9.23 -15.41 -38.85
N SER C 119 -8.18 -16.21 -38.85
CA SER C 119 -8.27 -17.56 -39.37
C SER C 119 -8.93 -18.44 -38.32
N VAL C 120 -9.96 -19.19 -38.69
CA VAL C 120 -10.74 -19.97 -37.75
C VAL C 120 -10.47 -21.44 -37.95
N PHE C 121 -9.98 -22.10 -36.91
CA PHE C 121 -9.66 -23.52 -36.94
C PHE C 121 -10.40 -24.21 -35.80
N ILE C 122 -10.72 -25.50 -36.00
CA ILE C 122 -11.43 -26.29 -35.01
C ILE C 122 -10.70 -27.60 -34.80
N PHE C 123 -10.63 -28.05 -33.55
CA PHE C 123 -9.96 -29.29 -33.18
C PHE C 123 -10.96 -30.17 -32.43
N PRO C 124 -11.32 -31.33 -32.97
CA PRO C 124 -12.14 -32.29 -32.21
C PRO C 124 -11.38 -32.78 -31.00
N PRO C 125 -12.05 -33.42 -30.04
CA PRO C 125 -11.34 -33.93 -28.87
C PRO C 125 -10.37 -35.02 -29.28
N SER C 126 -9.27 -35.12 -28.55
CA SER C 126 -8.35 -36.20 -28.81
C SER C 126 -8.92 -37.52 -28.32
N ASP C 127 -8.35 -38.61 -28.82
CA ASP C 127 -8.80 -39.92 -28.39
C ASP C 127 -8.38 -40.22 -26.95
N GLU C 128 -7.22 -39.71 -26.53
CA GLU C 128 -6.80 -39.90 -25.15
C GLU C 128 -7.80 -39.30 -24.17
N GLN C 129 -8.14 -38.01 -24.36
CA GLN C 129 -9.12 -37.38 -23.49
C GLN C 129 -10.45 -38.09 -23.55
N LEU C 130 -10.85 -38.54 -24.74
CA LEU C 130 -12.14 -39.20 -24.88
C LEU C 130 -12.18 -40.47 -24.04
N LYS C 131 -11.08 -41.22 -24.01
CA LYS C 131 -10.97 -42.42 -23.18
C LYS C 131 -11.15 -42.11 -21.70
N SER C 132 -10.84 -40.88 -21.28
CA SER C 132 -10.94 -40.51 -19.87
C SER C 132 -12.36 -40.09 -19.46
N GLY C 133 -13.32 -40.06 -20.39
CA GLY C 133 -14.68 -39.71 -20.06
C GLY C 133 -15.10 -38.28 -20.36
N THR C 134 -14.21 -37.44 -20.91
CA THR C 134 -14.57 -36.07 -21.24
C THR C 134 -14.16 -35.75 -22.68
N ALA C 135 -14.81 -34.72 -23.24
CA ALA C 135 -14.55 -34.29 -24.61
C ALA C 135 -14.44 -32.77 -24.67
N SER C 136 -13.26 -32.27 -25.00
CA SER C 136 -13.05 -30.84 -25.19
C SER C 136 -12.90 -30.55 -26.68
N VAL C 137 -13.74 -29.66 -27.19
CA VAL C 137 -13.67 -29.19 -28.57
C VAL C 137 -13.11 -27.78 -28.51
N VAL C 138 -12.00 -27.53 -29.22
CA VAL C 138 -11.31 -26.24 -29.19
C VAL C 138 -11.56 -25.53 -30.51
N CYS C 139 -11.92 -24.24 -30.43
CA CYS C 139 -12.04 -23.36 -31.58
C CYS C 139 -11.00 -22.24 -31.46
N LEU C 140 -10.24 -22.02 -32.52
CA LEU C 140 -9.14 -21.06 -32.48
C LEU C 140 -9.37 -19.95 -33.49
N LEU C 141 -9.33 -18.71 -33.02
CA LEU C 141 -9.37 -17.52 -33.85
C LEU C 141 -7.96 -16.94 -33.85
N ASN C 142 -7.25 -17.08 -34.97
CA ASN C 142 -5.83 -16.75 -34.97
C ASN C 142 -5.56 -15.41 -35.65
N ASN C 143 -4.83 -14.54 -34.94
CA ASN C 143 -4.13 -13.40 -35.56
C ASN C 143 -5.11 -12.37 -36.13
N PHE C 144 -5.95 -11.82 -35.27
CA PHE C 144 -6.98 -10.92 -35.75
C PHE C 144 -6.89 -9.56 -35.07
N TYR C 145 -7.47 -8.55 -35.73
CA TYR C 145 -7.49 -7.19 -35.22
C TYR C 145 -8.67 -6.47 -35.85
N PRO C 146 -9.45 -5.67 -35.11
CA PRO C 146 -9.32 -5.36 -33.67
C PRO C 146 -9.85 -6.49 -32.80
N ARG C 147 -9.82 -6.29 -31.49
CA ARG C 147 -10.04 -7.38 -30.56
C ARG C 147 -11.50 -7.86 -30.54
N GLU C 148 -12.45 -7.00 -30.84
CA GLU C 148 -13.87 -7.34 -30.75
C GLU C 148 -14.18 -8.53 -31.62
N ALA C 149 -14.80 -9.56 -31.03
CA ALA C 149 -15.16 -10.75 -31.78
C ALA C 149 -16.13 -11.56 -30.95
N LYS C 150 -17.12 -12.14 -31.62
CA LYS C 150 -18.12 -13.00 -31.00
C LYS C 150 -17.88 -14.45 -31.42
N VAL C 151 -17.92 -15.36 -30.45
CA VAL C 151 -17.68 -16.79 -30.69
C VAL C 151 -18.77 -17.58 -29.96
N GLN C 152 -19.50 -18.41 -30.70
CA GLN C 152 -20.53 -19.25 -30.09
C GLN C 152 -20.43 -20.67 -30.61
N TRP C 153 -20.89 -21.62 -29.78
CA TRP C 153 -20.88 -23.04 -30.11
C TRP C 153 -22.30 -23.51 -30.41
N LYS C 154 -22.43 -24.29 -31.48
CA LYS C 154 -23.69 -24.97 -31.78
C LYS C 154 -23.38 -26.44 -31.98
N VAL C 155 -24.16 -27.30 -31.34
CA VAL C 155 -24.03 -28.73 -31.48
C VAL C 155 -25.33 -29.23 -32.10
N ASP C 156 -25.24 -29.82 -33.29
CA ASP C 156 -26.44 -30.18 -34.07
C ASP C 156 -27.35 -28.97 -34.22
N ASN C 157 -26.74 -27.80 -34.39
CA ASN C 157 -27.41 -26.51 -34.59
C ASN C 157 -28.14 -26.03 -33.34
N ALA C 158 -27.87 -26.63 -32.17
CA ALA C 158 -28.39 -26.14 -30.90
C ALA C 158 -27.34 -25.27 -30.24
N LEU C 159 -27.68 -24.01 -29.98
CA LEU C 159 -26.74 -23.14 -29.30
C LEU C 159 -26.40 -23.68 -27.91
N GLN C 160 -25.12 -23.55 -27.53
CA GLN C 160 -24.63 -24.04 -26.26
C GLN C 160 -24.39 -22.88 -25.30
N SER C 161 -24.73 -23.09 -24.04
CA SER C 161 -24.34 -22.15 -23.00
C SER C 161 -23.95 -22.92 -21.75
N GLY C 162 -23.10 -22.30 -20.95
CA GLY C 162 -22.67 -22.89 -19.69
C GLY C 162 -21.63 -23.98 -19.80
N ASN C 163 -21.12 -24.28 -21.00
CA ASN C 163 -20.15 -25.36 -21.14
C ASN C 163 -18.95 -24.96 -22.00
N SER C 164 -18.70 -23.66 -22.17
CA SER C 164 -17.57 -23.20 -22.94
C SER C 164 -16.86 -22.07 -22.21
N GLN C 165 -15.58 -21.94 -22.48
CA GLN C 165 -14.77 -20.87 -21.90
C GLN C 165 -13.82 -20.37 -22.98
N GLU C 166 -13.48 -19.08 -22.91
CA GLU C 166 -12.56 -18.51 -23.88
C GLU C 166 -11.42 -17.80 -23.18
N SER C 167 -10.36 -17.60 -23.94
CA SER C 167 -9.17 -16.92 -23.47
C SER C 167 -8.60 -16.14 -24.64
N VAL C 168 -8.03 -14.98 -24.35
CA VAL C 168 -7.50 -14.10 -25.36
C VAL C 168 -6.06 -13.77 -25.01
N THR C 169 -5.18 -13.77 -26.00
CA THR C 169 -3.81 -13.39 -25.74
C THR C 169 -3.70 -11.87 -25.66
N GLU C 170 -2.60 -11.41 -25.07
CA GLU C 170 -2.28 -10.00 -25.18
C GLU C 170 -1.98 -9.66 -26.64
N GLN C 171 -2.04 -8.36 -26.93
CA GLN C 171 -1.73 -7.90 -28.28
C GLN C 171 -0.29 -8.26 -28.62
N ASP C 172 -0.11 -8.94 -29.75
CA ASP C 172 1.23 -9.39 -30.14
C ASP C 172 2.19 -8.22 -30.37
N SER C 173 3.41 -8.36 -29.85
CA SER C 173 4.38 -7.28 -29.90
C SER C 173 4.98 -7.07 -31.29
N LYS C 174 4.99 -8.10 -32.13
CA LYS C 174 5.57 -7.94 -33.46
C LYS C 174 4.54 -7.59 -34.52
N ASP C 175 3.38 -8.26 -34.54
CA ASP C 175 2.39 -8.01 -35.58
C ASP C 175 1.10 -7.40 -35.07
N SER C 176 1.01 -7.11 -33.78
CA SER C 176 -0.08 -6.32 -33.19
C SER C 176 -1.45 -6.97 -33.29
N THR C 177 -1.53 -8.28 -33.51
CA THR C 177 -2.82 -8.97 -33.58
C THR C 177 -3.17 -9.62 -32.24
N TYR C 178 -4.41 -10.11 -32.16
CA TYR C 178 -4.87 -10.94 -31.06
C TYR C 178 -5.16 -12.35 -31.57
N SER C 179 -5.12 -13.30 -30.65
CA SER C 179 -5.59 -14.66 -30.90
C SER C 179 -6.52 -15.06 -29.77
N LEU C 180 -7.50 -15.93 -30.07
CA LEU C 180 -8.53 -16.25 -29.11
C LEU C 180 -8.85 -17.74 -29.20
N SER C 181 -8.92 -18.40 -28.05
CA SER C 181 -9.31 -19.80 -27.95
C SER C 181 -10.68 -19.88 -27.32
N SER C 182 -11.52 -20.77 -27.82
CA SER C 182 -12.78 -21.10 -27.17
C SER C 182 -12.85 -22.61 -27.03
N THR C 183 -13.08 -23.09 -25.81
CA THR C 183 -13.08 -24.51 -25.52
C THR C 183 -14.46 -24.93 -25.07
N LEU C 184 -15.09 -25.80 -25.84
CA LEU C 184 -16.35 -26.44 -25.48
C LEU C 184 -16.04 -27.78 -24.81
N THR C 185 -16.57 -27.98 -23.61
CA THR C 185 -16.32 -29.23 -22.89
C THR C 185 -17.64 -29.95 -22.69
N LEU C 186 -17.71 -31.19 -23.18
CA LEU C 186 -18.87 -32.04 -23.03
C LEU C 186 -18.46 -33.31 -22.30
N SER C 187 -19.42 -33.97 -21.67
CA SER C 187 -19.17 -35.32 -21.24
C SER C 187 -18.99 -36.21 -22.46
N LYS C 188 -18.27 -37.31 -22.28
CA LYS C 188 -18.12 -38.30 -23.34
C LYS C 188 -19.49 -38.74 -23.85
N ALA C 189 -20.39 -39.09 -22.93
CA ALA C 189 -21.71 -39.56 -23.32
C ALA C 189 -22.46 -38.51 -24.13
N ASP C 190 -22.41 -37.24 -23.70
CA ASP C 190 -23.08 -36.19 -24.47
C ASP C 190 -22.41 -35.98 -25.82
N TYR C 191 -21.09 -36.11 -25.88
CA TYR C 191 -20.40 -35.91 -27.16
C TYR C 191 -20.83 -36.98 -28.17
N GLU C 192 -20.82 -38.24 -27.76
CA GLU C 192 -21.13 -39.32 -28.69
C GLU C 192 -22.61 -39.39 -29.06
N LYS C 193 -23.42 -38.44 -28.56
CA LYS C 193 -24.83 -38.30 -28.89
C LYS C 193 -25.10 -37.36 -30.06
N HIS C 194 -24.08 -36.66 -30.57
CA HIS C 194 -24.31 -35.66 -31.60
C HIS C 194 -23.29 -35.82 -32.73
N LYS C 195 -23.62 -35.22 -33.87
CA LYS C 195 -22.85 -35.37 -35.10
C LYS C 195 -21.98 -34.16 -35.39
N VAL C 196 -22.58 -32.98 -35.55
CA VAL C 196 -21.90 -31.80 -36.06
C VAL C 196 -21.54 -30.86 -34.91
N TYR C 197 -20.28 -30.48 -34.85
CA TYR C 197 -19.77 -29.55 -33.85
C TYR C 197 -19.25 -28.31 -34.57
N ALA C 198 -19.87 -27.17 -34.26
CA ALA C 198 -19.72 -25.96 -35.07
C ALA C 198 -19.30 -24.79 -34.20
N CYS C 199 -18.25 -24.11 -34.64
CA CYS C 199 -17.80 -22.84 -34.08
C CYS C 199 -18.29 -21.71 -34.98
N GLU C 200 -19.04 -20.77 -34.41
CA GLU C 200 -19.54 -19.63 -35.20
C GLU C 200 -18.84 -18.36 -34.75
N VAL C 201 -18.18 -17.70 -35.70
CA VAL C 201 -17.27 -16.58 -35.40
C VAL C 201 -17.78 -15.35 -36.14
N THR C 202 -17.96 -14.25 -35.42
CA THR C 202 -18.30 -12.98 -36.03
C THR C 202 -17.15 -12.01 -35.80
N HIS C 203 -16.70 -11.34 -36.85
CA HIS C 203 -15.66 -10.34 -36.73
C HIS C 203 -15.78 -9.37 -37.90
N GLN C 204 -15.44 -8.10 -37.65
CA GLN C 204 -15.65 -7.07 -38.66
C GLN C 204 -14.77 -7.26 -39.90
N GLY C 205 -13.67 -8.01 -39.79
CA GLY C 205 -12.87 -8.34 -40.94
C GLY C 205 -13.46 -9.41 -41.85
N LEU C 206 -14.54 -10.08 -41.42
CA LEU C 206 -15.18 -11.09 -42.25
C LEU C 206 -16.39 -10.50 -42.97
N SER C 207 -16.64 -10.99 -44.20
CA SER C 207 -17.82 -10.50 -44.92
C SER C 207 -19.11 -10.97 -44.27
N SER C 208 -19.05 -11.99 -43.41
CA SER C 208 -20.23 -12.51 -42.72
C SER C 208 -19.75 -13.51 -41.67
N PRO C 209 -20.61 -13.86 -40.70
CA PRO C 209 -20.18 -14.82 -39.69
C PRO C 209 -19.77 -16.16 -40.31
N VAL C 210 -18.69 -16.71 -39.78
CA VAL C 210 -18.10 -17.96 -40.26
C VAL C 210 -18.47 -19.07 -39.29
N THR C 211 -18.99 -20.17 -39.81
CA THR C 211 -19.23 -21.36 -39.02
C THR C 211 -18.22 -22.41 -39.45
N LYS C 212 -17.33 -22.79 -38.54
CA LYS C 212 -16.37 -23.85 -38.79
C LYS C 212 -16.82 -25.08 -38.04
N SER C 213 -17.02 -26.19 -38.75
CA SER C 213 -17.66 -27.35 -38.15
C SER C 213 -16.98 -28.63 -38.58
N PHE C 214 -17.21 -29.69 -37.79
CA PHE C 214 -16.84 -31.04 -38.18
C PHE C 214 -17.96 -32.00 -37.78
N ASN C 215 -17.97 -33.17 -38.40
CA ASN C 215 -18.88 -34.26 -38.06
C ASN C 215 -18.14 -35.28 -37.21
N ARG C 216 -18.71 -35.65 -36.06
CA ARG C 216 -18.00 -36.46 -35.07
C ARG C 216 -17.30 -37.67 -35.71
N GLY C 217 -18.06 -38.57 -36.31
CA GLY C 217 -17.44 -39.75 -36.87
C GLY C 217 -16.73 -39.61 -38.22
N GLU C 218 -16.02 -38.50 -38.43
CA GLU C 218 -15.38 -38.26 -39.71
C GLU C 218 -13.92 -37.87 -39.49
N CYS C 219 -13.06 -38.29 -40.41
CA CYS C 219 -11.62 -38.05 -40.27
C CYS C 219 -11.00 -37.47 -41.54
MN MN D . 0.57 25.12 32.92
MN MN E . 0.74 21.51 33.99
O8 XI7 F . 0.00 23.61 34.08
C9 XI7 F . -0.73 23.61 35.23
C10 XI7 F . -0.87 22.44 35.96
O11 XI7 F . -0.53 21.28 35.55
O10 XI7 F . -1.39 22.48 37.11
C8 XI7 F . -1.31 24.78 35.67
C7 XI7 F . -1.20 26.13 35.02
C1 XI7 F . -1.51 27.40 35.80
C6 XI7 F . -1.81 27.33 37.18
C5 XI7 F . -2.09 28.49 37.94
C4 XI7 F . -2.07 29.75 37.33
C3 XI7 F . -1.76 29.82 35.96
C2 XI7 F . -1.49 28.66 35.20
O14 XI7 F . -0.96 26.29 33.81
#